data_6M6L
#
_entry.id   6M6L
#
_cell.length_a   52.608
_cell.length_b   95.571
_cell.length_c   93.348
_cell.angle_alpha   90.00
_cell.angle_beta   90.65
_cell.angle_gamma   90.00
#
_symmetry.space_group_name_H-M   'P 1 21 1'
#
loop_
_entity.id
_entity.type
_entity.pdbx_description
1 polymer Beta-glucosidase
2 non-polymer GLYCEROL
3 non-polymer 1,2-ETHANEDIOL
4 non-polymer beta-D-xylopyranose
5 water water
#
_entity_poly.entity_id   1
_entity_poly.type   'polypeptide(L)'
_entity_poly.pdbx_seq_one_letter_code
;FMVELSPLRQDFVWGTATSAYQIEGAVADDGRLPSIWDTFCRVPGAIDNGDTGDVACDSYHRWPEDLALLKQLGVDAYRF
SIAWPRVIPTGSGAVNTAGLDYYDRVVDDLLAEGIKPFVTLYHWDLPQALQDLGGWDNRDTAYRFAEYAAVVGAKLGDRV
RDWVTLNEPLCSAWIGHWEGRMAPGITDPAIAVRASYNLLLAHGLGVAALRDACPEPPAVGLVVNLSGCEPASQSPEDIR
AARIADGHINRWWLDPTSGRGFPADMVETYGVELPERPGDLEIIAAPTDFIGLNYYFRQIIEADGSVPVLGFSQVPGPNA
EHTMIDWEVHPAGLEELILRLAKEYGAEKIYVTENGSAWVDQPDAEFAVDDPDRTAYLEEHLAACVRAVEQGAPLAGYFA
WSLMDNFEWAYGYAPRFGLAYVDYPTGTRVMKTSGKRYADLIRGHRE
;
_entity_poly.pdbx_strand_id   A,B
#
loop_
_chem_comp.id
_chem_comp.type
_chem_comp.name
_chem_comp.formula
EDO non-polymer 1,2-ETHANEDIOL 'C2 H6 O2'
GOL non-polymer GLYCEROL 'C3 H8 O3'
XYP D-saccharide, beta linking beta-D-xylopyranose 'C5 H10 O5'
#
# COMPACT_ATOMS: atom_id res chain seq x y z
N PHE A 1 39.97 -3.23 -28.21
CA PHE A 1 38.97 -3.66 -29.18
C PHE A 1 38.06 -2.50 -29.58
N MET A 2 37.81 -2.38 -30.89
CA MET A 2 36.92 -1.35 -31.43
C MET A 2 35.93 -2.02 -32.38
N VAL A 3 34.65 -1.88 -32.10
CA VAL A 3 33.62 -2.62 -32.82
C VAL A 3 33.41 -2.01 -34.21
N GLU A 4 33.20 -2.88 -35.20
CA GLU A 4 32.89 -2.49 -36.57
C GLU A 4 31.40 -2.67 -36.80
N LEU A 5 30.70 -1.57 -37.11
CA LEU A 5 29.26 -1.58 -37.21
C LEU A 5 28.75 -1.56 -38.66
N SER A 6 29.65 -1.55 -39.64
CA SER A 6 29.21 -1.43 -41.03
C SER A 6 28.22 -2.51 -41.49
N PRO A 7 28.21 -3.75 -40.97
CA PRO A 7 27.19 -4.70 -41.42
C PRO A 7 25.76 -4.34 -41.05
N LEU A 8 25.54 -3.38 -40.15
CA LEU A 8 24.20 -2.98 -39.77
C LEU A 8 23.60 -2.03 -40.81
N ARG A 9 22.35 -2.30 -41.16
CA ARG A 9 21.60 -1.44 -42.09
C ARG A 9 21.56 -0.01 -41.57
N GLN A 10 21.44 0.94 -42.49
CA GLN A 10 21.38 2.34 -42.11
C GLN A 10 20.10 2.69 -41.36
N ASP A 11 19.02 1.91 -41.52
CA ASP A 11 17.80 2.17 -40.77
C ASP A 11 17.77 1.48 -39.41
N PHE A 12 18.91 0.91 -38.98
CA PHE A 12 19.06 0.46 -37.60
C PHE A 12 18.72 1.59 -36.63
N VAL A 13 18.07 1.26 -35.52
CA VAL A 13 17.64 2.25 -34.54
C VAL A 13 18.64 2.27 -33.39
N TRP A 14 19.34 3.38 -33.22
CA TRP A 14 20.25 3.58 -32.09
C TRP A 14 19.49 4.28 -30.97
N GLY A 15 19.45 3.67 -29.78
CA GLY A 15 18.63 4.21 -28.71
C GLY A 15 19.31 4.14 -27.36
N THR A 16 18.60 4.67 -26.36
CA THR A 16 18.95 4.53 -24.96
C THR A 16 17.65 4.55 -24.17
N ALA A 17 17.69 4.07 -22.92
CA ALA A 17 16.46 3.77 -22.20
C ALA A 17 16.53 4.24 -20.75
N THR A 18 15.35 4.57 -20.22
CA THR A 18 15.10 4.85 -18.80
C THR A 18 13.73 4.27 -18.45
N SER A 19 13.34 4.44 -17.17
CA SER A 19 11.96 4.19 -16.76
C SER A 19 11.55 5.25 -15.76
N ALA A 20 10.22 5.42 -15.61
CA ALA A 20 9.66 6.56 -14.90
C ALA A 20 10.05 6.56 -13.41
N TYR A 21 9.79 5.47 -12.70
CA TYR A 21 10.08 5.51 -11.27
C TYR A 21 11.57 5.63 -11.03
N GLN A 22 12.39 5.14 -11.95
CA GLN A 22 13.82 5.18 -11.72
C GLN A 22 14.41 6.58 -11.89
N ILE A 23 13.74 7.48 -12.61
CA ILE A 23 14.34 8.78 -12.90
C ILE A 23 13.50 9.98 -12.47
N GLU A 24 12.18 9.87 -12.36
CA GLU A 24 11.33 11.07 -12.37
C GLU A 24 11.36 11.86 -11.07
N GLY A 25 11.38 11.18 -9.92
CA GLY A 25 11.11 11.88 -8.68
C GLY A 25 9.74 12.52 -8.71
N ALA A 26 9.61 13.64 -8.01
CA ALA A 26 8.37 14.40 -7.97
C ALA A 26 7.19 13.47 -7.65
N VAL A 27 7.40 12.60 -6.66
CA VAL A 27 6.46 11.50 -6.45
C VAL A 27 5.10 11.97 -5.94
N ALA A 28 5.03 13.13 -5.31
CA ALA A 28 3.77 13.66 -4.79
C ALA A 28 3.31 14.91 -5.53
N ASP A 29 3.92 15.21 -6.68
CA ASP A 29 3.65 16.44 -7.39
C ASP A 29 2.61 16.25 -8.49
N ASP A 30 1.82 17.31 -8.71
CA ASP A 30 0.97 17.44 -9.88
C ASP A 30 0.04 16.25 -10.05
N GLY A 31 -0.55 15.80 -8.95
CA GLY A 31 -1.60 14.82 -9.00
C GLY A 31 -1.18 13.37 -8.95
N ARG A 32 0.12 13.09 -8.93
CA ARG A 32 0.55 11.69 -8.85
C ARG A 32 0.16 11.09 -7.50
N LEU A 33 -0.27 9.83 -7.53
CA LEU A 33 -0.50 9.04 -6.33
C LEU A 33 0.55 7.94 -6.22
N PRO A 34 0.72 7.34 -5.05
CA PRO A 34 1.81 6.38 -4.87
C PRO A 34 1.63 5.11 -5.70
N SER A 35 2.77 4.59 -6.14
CA SER A 35 2.89 3.26 -6.75
C SER A 35 3.32 2.24 -5.69
N ILE A 36 3.30 0.97 -6.10
CA ILE A 36 3.80 -0.07 -5.22
C ILE A 36 5.29 0.09 -4.91
N TRP A 37 6.03 0.80 -5.76
CA TRP A 37 7.44 1.04 -5.46
C TRP A 37 7.62 2.16 -4.43
N ASP A 38 6.74 3.17 -4.43
CA ASP A 38 6.73 4.13 -3.31
C ASP A 38 6.55 3.39 -2.00
N THR A 39 5.56 2.50 -1.97
CA THR A 39 5.26 1.72 -0.76
C THR A 39 6.44 0.84 -0.36
N PHE A 40 7.02 0.14 -1.33
CA PHE A 40 8.12 -0.77 -1.04
C PHE A 40 9.31 -0.01 -0.46
N CYS A 41 9.56 1.22 -0.93
CA CYS A 41 10.66 2.02 -0.41
C CYS A 41 10.46 2.44 1.04
N ARG A 42 9.26 2.32 1.58
CA ARG A 42 9.02 2.61 2.99
C ARG A 42 9.20 1.39 3.89
N VAL A 43 9.49 0.23 3.33
CA VAL A 43 9.65 -1.00 4.11
C VAL A 43 11.11 -1.09 4.57
N PRO A 44 11.38 -1.10 5.88
CA PRO A 44 12.78 -1.20 6.32
C PRO A 44 13.43 -2.46 5.75
N GLY A 45 14.62 -2.28 5.19
CA GLY A 45 15.36 -3.39 4.63
C GLY A 45 15.06 -3.73 3.19
N ALA A 46 13.99 -3.17 2.61
CA ALA A 46 13.62 -3.55 1.24
C ALA A 46 14.65 -3.04 0.24
N ILE A 47 15.17 -1.83 0.44
CA ILE A 47 16.08 -1.18 -0.50
C ILE A 47 17.43 -1.03 0.17
N ASP A 48 18.50 -1.40 -0.54
CA ASP A 48 19.85 -1.19 -0.02
C ASP A 48 20.04 0.26 0.36
N ASN A 49 20.66 0.49 1.54
CA ASN A 49 21.02 1.81 2.04
C ASN A 49 19.80 2.69 2.34
N GLY A 50 18.59 2.12 2.34
CA GLY A 50 17.40 2.91 2.59
C GLY A 50 17.09 3.93 1.52
N ASP A 51 17.59 3.71 0.30
CA ASP A 51 17.33 4.63 -0.79
C ASP A 51 15.86 4.59 -1.21
N THR A 52 15.39 5.69 -1.80
CA THR A 52 14.03 5.74 -2.35
C THR A 52 14.03 6.46 -3.69
N GLY A 53 12.94 6.31 -4.42
CA GLY A 53 12.76 7.07 -5.65
C GLY A 53 12.08 8.41 -5.48
N ASP A 54 12.08 8.98 -4.26
CA ASP A 54 11.32 10.21 -4.03
C ASP A 54 11.81 11.34 -4.93
N VAL A 55 13.13 11.45 -5.13
CA VAL A 55 13.75 12.48 -5.95
C VAL A 55 14.40 11.91 -7.19
N ALA A 56 15.23 10.88 -7.03
CA ALA A 56 15.89 10.20 -8.14
C ALA A 56 16.66 11.23 -8.96
N CYS A 57 16.48 11.28 -10.27
CA CYS A 57 17.13 12.25 -11.13
C CYS A 57 16.33 13.52 -11.30
N ASP A 58 15.16 13.61 -10.66
CA ASP A 58 14.27 14.77 -10.77
C ASP A 58 13.90 15.05 -12.22
N SER A 59 13.75 14.00 -13.04
CA SER A 59 13.48 14.22 -14.46
C SER A 59 12.10 14.76 -14.74
N TYR A 60 11.15 14.67 -13.79
CA TYR A 60 9.88 15.33 -14.00
C TYR A 60 10.09 16.84 -14.11
N HIS A 61 10.97 17.39 -13.28
CA HIS A 61 11.25 18.82 -13.30
C HIS A 61 12.49 19.19 -14.14
N ARG A 62 13.32 18.21 -14.50
CA ARG A 62 14.57 18.47 -15.22
C ARG A 62 14.60 17.76 -16.57
N TRP A 63 13.44 17.46 -17.15
CA TRP A 63 13.40 16.84 -18.48
C TRP A 63 14.32 17.51 -19.51
N PRO A 64 14.40 18.85 -19.61
CA PRO A 64 15.31 19.42 -20.61
C PRO A 64 16.76 18.98 -20.46
N GLU A 65 17.19 18.67 -19.23
CA GLU A 65 18.55 18.18 -19.04
C GLU A 65 18.74 16.76 -19.59
N ASP A 66 17.68 15.94 -19.53
CA ASP A 66 17.72 14.64 -20.20
C ASP A 66 17.77 14.82 -21.70
N LEU A 67 16.94 15.72 -22.23
CA LEU A 67 16.94 15.95 -23.68
C LEU A 67 18.31 16.42 -24.15
N ALA A 68 19.00 17.25 -23.35
CA ALA A 68 20.35 17.66 -23.72
C ALA A 68 21.28 16.47 -23.83
N LEU A 69 21.17 15.51 -22.89
CA LEU A 69 21.98 14.30 -23.02
C LEU A 69 21.65 13.53 -24.29
N LEU A 70 20.36 13.41 -24.60
CA LEU A 70 19.94 12.64 -25.78
C LEU A 70 20.48 13.27 -27.05
N LYS A 71 20.46 14.61 -27.12
CA LYS A 71 21.04 15.29 -28.27
C LYS A 71 22.54 15.05 -28.35
N GLN A 72 23.23 15.08 -27.20
N GLN A 72 23.23 15.08 -27.20
CA GLN A 72 24.66 14.82 -27.21
CA GLN A 72 24.66 14.80 -27.17
C GLN A 72 24.98 13.40 -27.72
C GLN A 72 24.98 13.41 -27.71
N LEU A 73 24.12 12.43 -27.40
CA LEU A 73 24.36 11.07 -27.89
C LEU A 73 24.10 10.93 -29.39
N GLY A 74 23.18 11.72 -29.94
CA GLY A 74 22.79 11.51 -31.32
C GLY A 74 21.98 10.26 -31.56
N VAL A 75 21.30 9.73 -30.54
CA VAL A 75 20.46 8.56 -30.73
C VAL A 75 19.29 8.90 -31.65
N ASP A 76 18.81 7.87 -32.36
CA ASP A 76 17.59 7.95 -33.16
C ASP A 76 16.32 7.83 -32.33
N ALA A 77 16.40 7.23 -31.15
CA ALA A 77 15.22 6.88 -30.38
C ALA A 77 15.53 6.92 -28.90
N TYR A 78 14.48 7.21 -28.12
CA TYR A 78 14.55 7.24 -26.66
C TYR A 78 13.44 6.35 -26.14
N ARG A 79 13.82 5.31 -25.37
CA ARG A 79 12.86 4.45 -24.69
C ARG A 79 12.66 4.96 -23.28
N PHE A 80 11.43 5.33 -22.94
CA PHE A 80 11.10 5.80 -21.61
C PHE A 80 9.75 5.19 -21.23
N SER A 81 9.42 5.26 -19.94
CA SER A 81 8.11 4.72 -19.55
C SER A 81 7.18 5.82 -19.04
N ILE A 82 5.89 5.54 -19.14
CA ILE A 82 4.82 6.36 -18.59
C ILE A 82 4.50 5.86 -17.19
N ALA A 83 4.37 6.78 -16.22
CA ALA A 83 4.00 6.38 -14.88
C ALA A 83 2.48 6.26 -14.79
N TRP A 84 1.97 5.04 -14.76
CA TRP A 84 0.54 4.82 -14.55
C TRP A 84 -0.04 5.65 -13.41
N PRO A 85 0.56 5.72 -12.22
CA PRO A 85 -0.05 6.53 -11.15
C PRO A 85 0.12 8.03 -11.34
N ARG A 86 0.85 8.48 -12.36
CA ARG A 86 0.81 9.88 -12.73
C ARG A 86 -0.33 10.19 -13.71
N VAL A 87 -0.79 9.21 -14.47
CA VAL A 87 -1.78 9.40 -15.52
C VAL A 87 -3.18 9.02 -15.06
N ILE A 88 -3.33 7.86 -14.42
CA ILE A 88 -4.61 7.47 -13.81
C ILE A 88 -4.28 7.12 -12.37
N PRO A 89 -4.21 8.12 -11.48
CA PRO A 89 -3.54 7.94 -10.18
C PRO A 89 -4.11 6.83 -9.31
N THR A 90 -5.42 6.60 -9.30
CA THR A 90 -5.97 5.48 -8.54
C THR A 90 -5.98 4.18 -9.33
N GLY A 91 -5.56 4.20 -10.59
CA GLY A 91 -5.68 3.03 -11.43
C GLY A 91 -7.04 2.81 -12.05
N SER A 92 -8.04 3.64 -11.71
CA SER A 92 -9.36 3.57 -12.31
C SER A 92 -9.93 4.98 -12.41
N GLY A 93 -10.92 5.14 -13.27
CA GLY A 93 -11.64 6.40 -13.32
C GLY A 93 -10.89 7.58 -13.90
N ALA A 94 -10.69 8.61 -13.09
CA ALA A 94 -10.29 9.92 -13.59
C ALA A 94 -8.87 9.93 -14.13
N VAL A 95 -8.67 10.62 -15.25
CA VAL A 95 -7.37 10.86 -15.83
C VAL A 95 -6.81 12.15 -15.24
N ASN A 96 -5.53 12.12 -14.86
CA ASN A 96 -4.84 13.27 -14.29
C ASN A 96 -4.22 14.08 -15.43
N THR A 97 -4.87 15.19 -15.78
CA THR A 97 -4.49 15.94 -16.98
C THR A 97 -3.03 16.37 -16.95
N ALA A 98 -2.57 16.91 -15.81
CA ALA A 98 -1.20 17.43 -15.73
C ALA A 98 -0.18 16.33 -15.97
N GLY A 99 -0.48 15.13 -15.46
CA GLY A 99 0.45 14.02 -15.64
C GLY A 99 0.59 13.62 -17.09
N LEU A 100 -0.55 13.47 -17.77
CA LEU A 100 -0.52 13.13 -19.18
C LEU A 100 0.12 14.24 -20.01
N ASP A 101 -0.11 15.50 -19.62
CA ASP A 101 0.49 16.64 -20.32
C ASP A 101 2.01 16.57 -20.30
N TYR A 102 2.60 16.14 -19.17
CA TYR A 102 4.05 16.00 -19.11
C TYR A 102 4.57 15.11 -20.24
N TYR A 103 3.94 13.95 -20.44
CA TYR A 103 4.42 13.02 -21.45
C TYR A 103 4.13 13.51 -22.85
N ASP A 104 2.99 14.20 -23.04
CA ASP A 104 2.71 14.87 -24.30
C ASP A 104 3.83 15.85 -24.68
N ARG A 105 4.31 16.61 -23.69
CA ARG A 105 5.40 17.56 -23.93
C ARG A 105 6.71 16.84 -24.24
N VAL A 106 7.01 15.77 -23.51
CA VAL A 106 8.20 14.98 -23.79
C VAL A 106 8.20 14.49 -25.23
N VAL A 107 7.06 13.98 -25.69
CA VAL A 107 6.96 13.48 -27.05
C VAL A 107 7.21 14.58 -28.06
N ASP A 108 6.56 15.75 -27.88
CA ASP A 108 6.79 16.85 -28.81
C ASP A 108 8.27 17.27 -28.84
N ASP A 109 8.91 17.36 -27.66
CA ASP A 109 10.29 17.82 -27.61
C ASP A 109 11.24 16.83 -28.29
N LEU A 110 11.03 15.53 -28.03
CA LEU A 110 11.82 14.50 -28.71
C LEU A 110 11.70 14.65 -30.22
N LEU A 111 10.46 14.76 -30.73
CA LEU A 111 10.28 14.81 -32.17
C LEU A 111 10.89 16.09 -32.75
N ALA A 112 10.83 17.19 -32.02
CA ALA A 112 11.47 18.42 -32.47
C ALA A 112 12.98 18.25 -32.61
N GLU A 113 13.58 17.34 -31.84
CA GLU A 113 15.00 17.04 -32.00
C GLU A 113 15.29 15.85 -32.91
N GLY A 114 14.29 15.33 -33.63
CA GLY A 114 14.50 14.19 -34.51
C GLY A 114 14.67 12.87 -33.80
N ILE A 115 14.14 12.73 -32.59
CA ILE A 115 14.29 11.51 -31.81
C ILE A 115 12.93 10.82 -31.69
N LYS A 116 12.88 9.54 -32.03
CA LYS A 116 11.63 8.78 -32.00
C LYS A 116 11.33 8.29 -30.57
N PRO A 117 10.12 8.51 -30.06
CA PRO A 117 9.76 7.96 -28.74
C PRO A 117 9.39 6.49 -28.82
N PHE A 118 10.00 5.68 -27.95
CA PHE A 118 9.62 4.27 -27.75
C PHE A 118 9.04 4.20 -26.35
N VAL A 119 7.72 4.04 -26.25
CA VAL A 119 7.02 4.24 -24.98
C VAL A 119 6.70 2.90 -24.33
N THR A 120 7.17 2.73 -23.10
CA THR A 120 6.79 1.60 -22.24
C THR A 120 5.59 2.01 -21.39
N LEU A 121 4.51 1.24 -21.47
CA LEU A 121 3.34 1.56 -20.66
C LEU A 121 3.49 1.13 -19.20
N TYR A 122 3.98 -0.08 -18.96
CA TYR A 122 4.10 -0.61 -17.60
C TYR A 122 5.55 -0.98 -17.31
N HIS A 123 6.20 -0.18 -16.48
CA HIS A 123 7.54 -0.48 -16.02
C HIS A 123 7.53 -0.53 -14.50
N TRP A 124 6.59 -1.31 -13.95
CA TRP A 124 6.55 -1.90 -12.61
C TRP A 124 5.85 -1.03 -11.58
N ASP A 125 5.51 0.21 -11.92
CA ASP A 125 4.96 1.15 -10.93
C ASP A 125 3.43 1.07 -10.92
N LEU A 126 2.92 -0.11 -10.56
CA LEU A 126 1.49 -0.30 -10.39
C LEU A 126 0.95 0.70 -9.37
N PRO A 127 -0.18 1.37 -9.65
CA PRO A 127 -0.78 2.23 -8.61
C PRO A 127 -1.05 1.43 -7.33
N GLN A 128 -0.64 2.00 -6.19
CA GLN A 128 -0.88 1.32 -4.92
C GLN A 128 -2.37 1.06 -4.69
N ALA A 129 -3.22 1.94 -5.22
CA ALA A 129 -4.66 1.73 -5.07
C ALA A 129 -5.11 0.41 -5.70
N LEU A 130 -4.49 0.01 -6.82
CA LEU A 130 -4.84 -1.28 -7.41
C LEU A 130 -4.24 -2.44 -6.62
N GLN A 131 -3.05 -2.26 -6.04
CA GLN A 131 -2.52 -3.30 -5.17
C GLN A 131 -3.42 -3.52 -3.96
N ASP A 132 -4.08 -2.46 -3.48
CA ASP A 132 -5.01 -2.59 -2.36
C ASP A 132 -6.25 -3.40 -2.70
N LEU A 133 -6.47 -3.67 -4.00
CA LEU A 133 -7.52 -4.56 -4.48
C LEU A 133 -6.98 -5.94 -4.84
N GLY A 134 -5.73 -6.23 -4.50
CA GLY A 134 -5.10 -7.50 -4.82
C GLY A 134 -4.08 -7.42 -5.94
N GLY A 135 -3.95 -6.27 -6.61
CA GLY A 135 -2.89 -6.09 -7.59
C GLY A 135 -2.99 -7.09 -8.72
N TRP A 136 -1.85 -7.68 -9.06
CA TRP A 136 -1.80 -8.61 -10.19
C TRP A 136 -2.42 -9.97 -9.87
N ASP A 137 -2.83 -10.21 -8.62
CA ASP A 137 -3.66 -11.38 -8.30
C ASP A 137 -5.15 -11.08 -8.41
N ASN A 138 -5.50 -9.96 -9.01
CA ASN A 138 -6.89 -9.59 -9.31
C ASN A 138 -6.96 -9.38 -10.83
N ARG A 139 -7.72 -10.24 -11.51
CA ARG A 139 -7.87 -10.14 -12.96
C ARG A 139 -8.30 -8.74 -13.39
N ASP A 140 -9.08 -8.04 -12.54
CA ASP A 140 -9.54 -6.70 -12.89
C ASP A 140 -8.37 -5.77 -13.23
N THR A 141 -7.22 -5.99 -12.60
CA THR A 141 -6.07 -5.14 -12.84
C THR A 141 -5.66 -5.15 -14.31
N ALA A 142 -5.79 -6.30 -14.97
CA ALA A 142 -5.45 -6.36 -16.39
C ALA A 142 -6.38 -5.47 -17.21
N TYR A 143 -7.67 -5.42 -16.84
CA TYR A 143 -8.59 -4.54 -17.55
C TYR A 143 -8.33 -3.09 -17.21
N ARG A 144 -7.90 -2.80 -15.98
CA ARG A 144 -7.47 -1.44 -15.66
C ARG A 144 -6.28 -1.07 -16.54
N PHE A 145 -5.36 -2.02 -16.75
CA PHE A 145 -4.21 -1.71 -17.58
C PHE A 145 -4.65 -1.37 -19.00
N ALA A 146 -5.61 -2.12 -19.53
CA ALA A 146 -6.06 -1.87 -20.89
C ALA A 146 -6.68 -0.50 -20.99
N GLU A 147 -7.44 -0.10 -19.97
CA GLU A 147 -8.05 1.24 -20.00
C GLU A 147 -6.99 2.31 -20.03
N TYR A 148 -5.94 2.12 -19.22
CA TYR A 148 -4.83 3.04 -19.18
C TYR A 148 -4.13 3.09 -20.53
N ALA A 149 -3.92 1.92 -21.15
CA ALA A 149 -3.30 1.89 -22.47
C ALA A 149 -4.12 2.70 -23.46
N ALA A 150 -5.45 2.57 -23.39
CA ALA A 150 -6.28 3.30 -24.35
C ALA A 150 -6.18 4.80 -24.12
N VAL A 151 -6.11 5.24 -22.86
CA VAL A 151 -5.96 6.66 -22.57
C VAL A 151 -4.65 7.17 -23.17
N VAL A 152 -3.56 6.44 -22.94
CA VAL A 152 -2.27 6.96 -23.37
C VAL A 152 -2.17 6.90 -24.89
N GLY A 153 -2.66 5.82 -25.47
CA GLY A 153 -2.62 5.68 -26.92
C GLY A 153 -3.46 6.75 -27.61
N ALA A 154 -4.60 7.09 -27.01
CA ALA A 154 -5.42 8.10 -27.67
C ALA A 154 -4.72 9.44 -27.66
N LYS A 155 -3.93 9.71 -26.62
CA LYS A 155 -3.32 11.02 -26.46
C LYS A 155 -2.04 11.13 -27.27
N LEU A 156 -1.20 10.09 -27.24
CA LEU A 156 0.13 10.15 -27.82
C LEU A 156 0.28 9.39 -29.12
N GLY A 157 -0.67 8.53 -29.48
CA GLY A 157 -0.55 7.59 -30.60
C GLY A 157 -0.69 8.19 -31.98
N ASP A 158 -0.90 9.51 -32.08
CA ASP A 158 -0.74 10.18 -33.38
C ASP A 158 0.72 10.42 -33.72
N ARG A 159 1.59 10.41 -32.73
CA ARG A 159 3.01 10.71 -32.87
C ARG A 159 3.91 9.56 -32.44
N VAL A 160 3.59 8.92 -31.33
CA VAL A 160 4.28 7.71 -30.88
C VAL A 160 3.78 6.55 -31.71
N ARG A 161 4.71 5.83 -32.37
CA ARG A 161 4.36 4.70 -33.22
C ARG A 161 4.94 3.39 -32.70
N ASP A 162 5.73 3.43 -31.63
CA ASP A 162 6.46 2.27 -31.16
C ASP A 162 6.22 2.13 -29.67
N TRP A 163 5.62 1.00 -29.27
CA TRP A 163 5.04 0.83 -27.95
C TRP A 163 5.45 -0.49 -27.34
N VAL A 164 5.76 -0.46 -26.05
CA VAL A 164 5.96 -1.65 -25.24
C VAL A 164 4.82 -1.71 -24.22
N THR A 165 4.16 -2.87 -24.12
CA THR A 165 3.12 -3.05 -23.12
C THR A 165 3.73 -3.17 -21.73
N LEU A 166 4.40 -4.29 -21.47
CA LEU A 166 5.04 -4.56 -20.18
C LEU A 166 6.54 -4.68 -20.37
N ASN A 167 7.28 -4.16 -19.37
CA ASN A 167 8.71 -4.39 -19.25
C ASN A 167 8.98 -5.53 -18.25
N GLU A 168 9.67 -6.57 -18.70
CA GLU A 168 10.17 -7.63 -17.83
C GLU A 168 9.14 -8.18 -16.89
N PRO A 169 8.07 -8.84 -17.40
CA PRO A 169 7.08 -9.42 -16.51
C PRO A 169 7.65 -10.46 -15.55
N LEU A 170 8.77 -11.10 -15.89
CA LEU A 170 9.41 -12.01 -14.95
C LEU A 170 9.75 -11.30 -13.65
N CYS A 171 10.22 -10.05 -13.75
CA CYS A 171 10.56 -9.34 -12.53
C CYS A 171 9.31 -9.03 -11.72
N SER A 172 8.25 -8.52 -12.37
CA SER A 172 7.01 -8.24 -11.65
C SER A 172 6.49 -9.49 -10.98
N ALA A 173 6.42 -10.60 -11.72
CA ALA A 173 5.80 -11.83 -11.21
C ALA A 173 6.72 -12.59 -10.26
N TRP A 174 7.85 -13.09 -10.76
CA TRP A 174 8.70 -13.93 -9.93
C TRP A 174 9.42 -13.12 -8.87
N ILE A 175 10.03 -12.00 -9.25
CA ILE A 175 10.81 -11.32 -8.22
C ILE A 175 9.87 -10.54 -7.29
N GLY A 176 8.73 -10.04 -7.81
CA GLY A 176 7.83 -9.28 -6.96
C GLY A 176 6.86 -10.09 -6.12
N HIS A 177 6.56 -11.33 -6.52
CA HIS A 177 5.56 -12.14 -5.82
C HIS A 177 6.05 -13.52 -5.37
N TRP A 178 7.20 -13.99 -5.83
CA TRP A 178 7.75 -15.28 -5.41
C TRP A 178 8.96 -15.08 -4.51
N GLU A 179 9.99 -14.40 -5.01
CA GLU A 179 11.18 -14.08 -4.21
C GLU A 179 10.91 -12.97 -3.20
N GLY A 180 10.01 -12.04 -3.52
CA GLY A 180 9.71 -10.94 -2.63
C GLY A 180 10.75 -9.85 -2.58
N ARG A 181 11.70 -9.82 -3.52
CA ARG A 181 12.80 -8.88 -3.53
C ARG A 181 12.45 -7.58 -4.27
N MET A 182 11.37 -7.58 -5.03
CA MET A 182 10.85 -6.39 -5.69
C MET A 182 9.41 -6.17 -5.24
N ALA A 183 8.91 -4.97 -5.47
CA ALA A 183 7.53 -4.65 -5.09
C ALA A 183 6.55 -5.60 -5.79
N PRO A 184 5.48 -6.04 -5.10
CA PRO A 184 5.04 -5.66 -3.75
C PRO A 184 5.63 -6.48 -2.60
N GLY A 185 6.65 -7.30 -2.88
CA GLY A 185 7.31 -8.02 -1.81
C GLY A 185 6.59 -9.25 -1.32
N ILE A 186 5.70 -9.80 -2.13
CA ILE A 186 4.99 -11.03 -1.79
C ILE A 186 5.89 -12.24 -2.02
N THR A 187 5.70 -13.29 -1.21
CA THR A 187 6.52 -14.51 -1.27
C THR A 187 5.56 -15.70 -1.26
N ASP A 188 4.96 -15.97 -2.42
CA ASP A 188 3.94 -16.99 -2.51
C ASP A 188 3.87 -17.50 -3.94
N PRO A 189 4.37 -18.70 -4.22
CA PRO A 189 4.41 -19.18 -5.61
C PRO A 189 3.06 -19.19 -6.29
N ALA A 190 1.99 -19.55 -5.59
CA ALA A 190 0.67 -19.57 -6.23
C ALA A 190 0.22 -18.17 -6.63
N ILE A 191 0.36 -17.19 -5.73
CA ILE A 191 0.04 -15.82 -6.10
C ILE A 191 0.92 -15.40 -7.27
N ALA A 192 2.21 -15.75 -7.23
CA ALA A 192 3.13 -15.34 -8.28
C ALA A 192 2.72 -15.91 -9.64
N VAL A 193 2.34 -17.19 -9.70
CA VAL A 193 1.96 -17.78 -10.98
C VAL A 193 0.67 -17.14 -11.49
N ARG A 194 -0.31 -16.91 -10.61
CA ARG A 194 -1.52 -16.22 -11.08
C ARG A 194 -1.20 -14.80 -11.55
N ALA A 195 -0.29 -14.12 -10.84
CA ALA A 195 0.12 -12.79 -11.27
C ALA A 195 0.78 -12.83 -12.65
N SER A 196 1.62 -13.84 -12.90
CA SER A 196 2.24 -13.96 -14.23
C SER A 196 1.18 -14.10 -15.31
N TYR A 197 0.13 -14.85 -15.00
CA TYR A 197 -0.96 -15.03 -15.94
C TYR A 197 -1.68 -13.71 -16.20
N ASN A 198 -2.05 -12.98 -15.15
CA ASN A 198 -2.78 -11.73 -15.33
C ASN A 198 -1.93 -10.65 -15.98
N LEU A 199 -0.61 -10.68 -15.75
CA LEU A 199 0.31 -9.82 -16.46
C LEU A 199 0.28 -10.12 -17.96
N LEU A 200 0.36 -11.40 -18.33
CA LEU A 200 0.32 -11.74 -19.76
C LEU A 200 -1.04 -11.39 -20.38
N LEU A 201 -2.12 -11.58 -19.63
CA LEU A 201 -3.43 -11.15 -20.10
C LEU A 201 -3.44 -9.65 -20.32
N ALA A 202 -2.88 -8.88 -19.37
CA ALA A 202 -2.80 -7.43 -19.53
C ALA A 202 -2.02 -7.05 -20.77
N HIS A 203 -0.92 -7.76 -21.06
CA HIS A 203 -0.19 -7.52 -22.29
C HIS A 203 -1.13 -7.63 -23.50
N GLY A 204 -1.86 -8.74 -23.59
CA GLY A 204 -2.70 -8.94 -24.77
C GLY A 204 -3.84 -7.93 -24.88
N LEU A 205 -4.49 -7.64 -23.74
CA LEU A 205 -5.53 -6.62 -23.73
C LEU A 205 -4.96 -5.26 -24.09
N GLY A 206 -3.72 -5.00 -23.67
CA GLY A 206 -3.09 -3.73 -23.98
C GLY A 206 -2.73 -3.58 -25.45
N VAL A 207 -2.32 -4.68 -26.10
CA VAL A 207 -2.10 -4.64 -27.54
C VAL A 207 -3.38 -4.23 -28.24
N ALA A 208 -4.49 -4.91 -27.89
CA ALA A 208 -5.75 -4.56 -28.55
C ALA A 208 -6.16 -3.13 -28.25
N ALA A 209 -5.97 -2.69 -27.01
CA ALA A 209 -6.36 -1.32 -26.65
C ALA A 209 -5.56 -0.30 -27.44
N LEU A 210 -4.26 -0.52 -27.61
CA LEU A 210 -3.46 0.42 -28.40
C LEU A 210 -3.90 0.43 -29.85
N ARG A 211 -4.16 -0.75 -30.44
CA ARG A 211 -4.58 -0.75 -31.84
C ARG A 211 -5.94 -0.05 -32.01
N ASP A 212 -6.80 -0.13 -31.01
CA ASP A 212 -8.10 0.53 -31.09
C ASP A 212 -8.01 2.04 -30.89
N ALA A 213 -7.11 2.49 -30.01
CA ALA A 213 -7.13 3.87 -29.52
C ALA A 213 -6.11 4.78 -30.21
N CYS A 214 -5.00 4.26 -30.70
CA CYS A 214 -4.01 5.13 -31.32
C CYS A 214 -4.55 5.70 -32.62
N PRO A 215 -4.47 7.02 -32.84
CA PRO A 215 -4.91 7.58 -34.13
C PRO A 215 -4.15 7.05 -35.32
N GLU A 216 -2.89 6.66 -35.16
CA GLU A 216 -2.11 6.03 -36.22
C GLU A 216 -1.72 4.62 -35.79
N PRO A 217 -1.64 3.68 -36.72
CA PRO A 217 -1.45 2.26 -36.34
C PRO A 217 -0.15 2.03 -35.59
N PRO A 218 -0.21 1.42 -34.41
CA PRO A 218 1.00 1.24 -33.60
C PRO A 218 1.76 -0.03 -33.90
N ALA A 219 3.08 0.04 -33.70
CA ALA A 219 3.92 -1.16 -33.59
C ALA A 219 4.07 -1.46 -32.10
N VAL A 220 3.66 -2.67 -31.70
CA VAL A 220 3.53 -3.02 -30.28
C VAL A 220 4.28 -4.30 -30.00
N GLY A 221 4.95 -4.35 -28.86
CA GLY A 221 5.64 -5.56 -28.45
C GLY A 221 5.78 -5.65 -26.95
N LEU A 222 6.07 -6.88 -26.50
CA LEU A 222 6.44 -7.16 -25.12
C LEU A 222 7.96 -7.05 -24.96
N VAL A 223 8.41 -6.65 -23.77
CA VAL A 223 9.83 -6.66 -23.43
C VAL A 223 10.09 -7.72 -22.39
N VAL A 224 11.00 -8.65 -22.69
CA VAL A 224 11.36 -9.74 -21.78
C VAL A 224 12.87 -9.73 -21.52
N ASN A 225 13.25 -9.93 -20.26
CA ASN A 225 14.66 -10.09 -19.89
C ASN A 225 15.00 -11.57 -19.92
N LEU A 226 15.67 -11.99 -20.98
CA LEU A 226 15.99 -13.39 -21.20
C LEU A 226 17.43 -13.68 -20.78
N SER A 227 17.67 -14.94 -20.41
CA SER A 227 19.00 -15.42 -20.06
C SER A 227 19.13 -16.84 -20.57
N GLY A 228 20.18 -17.13 -21.33
CA GLY A 228 20.47 -18.52 -21.61
C GLY A 228 20.74 -19.26 -20.32
N CYS A 229 20.15 -20.45 -20.18
CA CYS A 229 20.24 -21.22 -18.96
C CYS A 229 21.06 -22.47 -19.27
N GLU A 230 22.25 -22.55 -18.69
CA GLU A 230 23.20 -23.59 -19.02
C GLU A 230 23.55 -24.39 -17.78
N PRO A 231 23.66 -25.70 -17.89
CA PRO A 231 23.91 -26.53 -16.69
C PRO A 231 25.32 -26.35 -16.15
N ALA A 232 25.42 -26.39 -14.82
CA ALA A 232 26.72 -26.27 -14.16
C ALA A 232 27.62 -27.48 -14.42
N SER A 233 27.03 -28.62 -14.75
CA SER A 233 27.77 -29.82 -15.12
C SER A 233 26.94 -30.56 -16.14
N GLN A 234 27.52 -31.62 -16.72
CA GLN A 234 26.79 -32.43 -17.67
C GLN A 234 26.04 -33.60 -17.03
N SER A 235 25.84 -33.57 -15.71
CA SER A 235 25.00 -34.58 -15.10
C SER A 235 23.57 -34.48 -15.66
N PRO A 236 22.87 -35.60 -15.80
CA PRO A 236 21.48 -35.51 -16.29
C PRO A 236 20.62 -34.59 -15.44
N GLU A 237 20.87 -34.59 -14.12
CA GLU A 237 20.12 -33.76 -13.21
C GLU A 237 20.35 -32.28 -13.48
N ASP A 238 21.61 -31.87 -13.70
CA ASP A 238 21.88 -30.46 -13.97
C ASP A 238 21.33 -30.04 -15.32
N ILE A 239 21.40 -30.91 -16.32
CA ILE A 239 20.84 -30.58 -17.64
C ILE A 239 19.34 -30.35 -17.52
N ARG A 240 18.65 -31.25 -16.81
CA ARG A 240 17.20 -31.09 -16.65
C ARG A 240 16.88 -29.84 -15.84
N ALA A 241 17.68 -29.56 -14.81
CA ALA A 241 17.43 -28.38 -13.98
C ALA A 241 17.57 -27.11 -14.81
N ALA A 242 18.60 -27.05 -15.65
CA ALA A 242 18.76 -25.88 -16.52
C ALA A 242 17.59 -25.72 -17.46
N ARG A 243 16.98 -26.84 -17.91
CA ARG A 243 15.81 -26.74 -18.77
C ARG A 243 14.59 -26.21 -18.01
N ILE A 244 14.43 -26.59 -16.73
CA ILE A 244 13.36 -26.00 -15.92
C ILE A 244 13.60 -24.50 -15.75
N ALA A 245 14.84 -24.10 -15.49
CA ALA A 245 15.15 -22.67 -15.42
C ALA A 245 14.83 -21.98 -16.75
N ASP A 246 15.15 -22.63 -17.86
CA ASP A 246 14.85 -22.05 -19.17
C ASP A 246 13.35 -21.79 -19.33
N GLY A 247 12.54 -22.71 -18.80
CA GLY A 247 11.09 -22.50 -18.81
C GLY A 247 10.68 -21.34 -17.92
N HIS A 248 11.24 -21.29 -16.72
CA HIS A 248 10.87 -20.28 -15.73
C HIS A 248 11.26 -18.87 -16.21
N ILE A 249 12.42 -18.75 -16.82
CA ILE A 249 12.97 -17.45 -17.19
C ILE A 249 12.56 -17.04 -18.58
N ASN A 250 12.53 -17.98 -19.55
CA ASN A 250 12.33 -17.64 -20.95
C ASN A 250 11.01 -18.15 -21.51
N ARG A 251 10.76 -19.46 -21.47
CA ARG A 251 9.67 -20.03 -22.27
C ARG A 251 8.29 -19.70 -21.69
N TRP A 252 8.17 -19.50 -20.37
CA TRP A 252 6.88 -19.16 -19.79
C TRP A 252 6.26 -17.93 -20.44
N TRP A 253 7.10 -16.98 -20.85
CA TRP A 253 6.67 -15.72 -21.45
C TRP A 253 6.59 -15.81 -22.96
N LEU A 254 7.58 -16.47 -23.59
CA LEU A 254 7.65 -16.53 -25.05
C LEU A 254 6.61 -17.50 -25.64
N ASP A 255 6.39 -18.65 -25.01
CA ASP A 255 5.47 -19.63 -25.59
C ASP A 255 4.04 -19.12 -25.70
N PRO A 256 3.39 -18.66 -24.62
CA PRO A 256 1.99 -18.26 -24.77
C PRO A 256 1.81 -17.01 -25.62
N THR A 257 2.76 -16.07 -25.59
CA THR A 257 2.61 -14.91 -26.47
C THR A 257 2.84 -15.28 -27.93
N SER A 258 3.49 -16.40 -28.21
CA SER A 258 3.70 -16.87 -29.57
C SER A 258 2.60 -17.82 -30.04
N GLY A 259 1.57 -18.07 -29.25
CA GLY A 259 0.50 -18.96 -29.65
C GLY A 259 0.77 -20.42 -29.42
N ARG A 260 1.72 -20.76 -28.54
CA ARG A 260 2.10 -22.14 -28.28
C ARG A 260 1.57 -22.62 -26.92
N GLY A 261 0.69 -21.86 -26.30
CA GLY A 261 0.19 -22.18 -24.97
C GLY A 261 1.26 -22.00 -23.91
N PHE A 262 0.85 -22.26 -22.66
CA PHE A 262 1.84 -22.25 -21.60
C PHE A 262 2.63 -23.56 -21.64
N PRO A 263 3.94 -23.51 -21.45
CA PRO A 263 4.74 -24.73 -21.60
C PRO A 263 4.33 -25.79 -20.59
N ALA A 264 4.06 -27.01 -21.09
CA ALA A 264 3.45 -28.04 -20.25
C ALA A 264 4.37 -28.45 -19.10
N ASP A 265 5.69 -28.47 -19.35
CA ASP A 265 6.59 -28.86 -18.27
C ASP A 265 6.55 -27.87 -17.12
N MET A 266 6.35 -26.58 -17.42
CA MET A 266 6.29 -25.59 -16.36
C MET A 266 4.94 -25.59 -15.67
N VAL A 267 3.85 -25.79 -16.42
CA VAL A 267 2.55 -25.92 -15.79
C VAL A 267 2.59 -27.06 -14.77
N GLU A 268 3.22 -28.18 -15.13
CA GLU A 268 3.30 -29.31 -14.20
C GLU A 268 4.23 -29.00 -13.04
N THR A 269 5.35 -28.31 -13.30
CA THR A 269 6.26 -27.92 -12.23
C THR A 269 5.58 -27.06 -11.18
N TYR A 270 4.86 -26.02 -11.60
CA TYR A 270 4.30 -25.09 -10.63
C TYR A 270 3.15 -25.72 -9.85
N GLY A 271 2.33 -26.54 -10.49
CA GLY A 271 1.19 -27.14 -9.82
C GLY A 271 0.13 -26.15 -9.39
N VAL A 272 -0.01 -25.03 -10.09
CA VAL A 272 -0.94 -23.96 -9.76
C VAL A 272 -2.02 -23.91 -10.83
N GLU A 273 -3.28 -23.84 -10.40
CA GLU A 273 -4.37 -23.70 -11.34
C GLU A 273 -4.34 -22.30 -11.95
N LEU A 274 -4.15 -22.23 -13.26
CA LEU A 274 -4.12 -20.93 -13.91
C LEU A 274 -5.52 -20.33 -13.91
N PRO A 275 -5.66 -19.01 -13.64
CA PRO A 275 -6.98 -18.35 -13.58
C PRO A 275 -7.53 -18.04 -14.97
N GLU A 276 -7.77 -19.10 -15.73
CA GLU A 276 -8.03 -18.99 -17.16
C GLU A 276 -9.52 -18.93 -17.47
N ARG A 277 -9.88 -18.10 -18.42
CA ARG A 277 -11.23 -18.00 -18.95
C ARG A 277 -11.20 -18.24 -20.46
N PRO A 278 -12.32 -18.70 -21.04
CA PRO A 278 -12.35 -18.92 -22.49
C PRO A 278 -12.00 -17.65 -23.25
N GLY A 279 -11.15 -17.81 -24.28
CA GLY A 279 -10.69 -16.71 -25.08
C GLY A 279 -9.38 -16.08 -24.61
N ASP A 280 -8.93 -16.42 -23.40
CA ASP A 280 -7.74 -15.76 -22.86
C ASP A 280 -6.49 -16.08 -23.67
N LEU A 281 -6.32 -17.34 -24.10
CA LEU A 281 -5.09 -17.68 -24.80
C LEU A 281 -4.94 -16.87 -26.09
N GLU A 282 -6.06 -16.64 -26.78
CA GLU A 282 -6.03 -15.82 -27.99
C GLU A 282 -5.68 -14.37 -27.69
N ILE A 283 -6.10 -13.86 -26.53
CA ILE A 283 -5.73 -12.52 -26.10
C ILE A 283 -4.24 -12.45 -25.81
N ILE A 284 -3.73 -13.42 -25.04
CA ILE A 284 -2.31 -13.40 -24.67
C ILE A 284 -1.43 -13.51 -25.91
N ALA A 285 -1.89 -14.24 -26.92
CA ALA A 285 -1.16 -14.41 -28.17
C ALA A 285 -1.48 -13.33 -29.19
N ALA A 286 -1.99 -12.18 -28.74
CA ALA A 286 -2.25 -11.06 -29.65
C ALA A 286 -1.06 -10.84 -30.57
N PRO A 287 -1.27 -10.73 -31.88
CA PRO A 287 -0.15 -10.47 -32.78
C PRO A 287 0.60 -9.21 -32.39
N THR A 288 1.93 -9.30 -32.39
CA THR A 288 2.81 -8.20 -32.07
C THR A 288 3.71 -7.88 -33.27
N ASP A 289 4.32 -6.70 -33.22
CA ASP A 289 5.11 -6.21 -34.34
C ASP A 289 6.61 -6.33 -34.11
N PHE A 290 7.01 -6.65 -32.88
CA PHE A 290 8.41 -6.90 -32.56
C PHE A 290 8.42 -7.60 -31.22
N ILE A 291 9.59 -8.15 -30.87
CA ILE A 291 9.87 -8.60 -29.52
C ILE A 291 11.05 -7.78 -29.01
N GLY A 292 10.94 -7.33 -27.76
CA GLY A 292 12.00 -6.59 -27.11
C GLY A 292 12.79 -7.48 -26.18
N LEU A 293 14.08 -7.62 -26.48
CA LEU A 293 15.00 -8.41 -25.68
C LEU A 293 15.76 -7.48 -24.74
N ASN A 294 15.58 -7.66 -23.43
CA ASN A 294 16.49 -7.10 -22.46
C ASN A 294 17.51 -8.19 -22.11
N TYR A 295 18.80 -7.88 -22.22
CA TYR A 295 19.82 -8.87 -21.90
C TYR A 295 20.92 -8.26 -21.05
N TYR A 296 21.27 -8.96 -19.99
CA TYR A 296 22.40 -8.60 -19.15
C TYR A 296 23.33 -9.79 -18.88
N PHE A 297 22.81 -11.00 -18.71
CA PHE A 297 23.66 -12.14 -18.35
C PHE A 297 22.98 -13.45 -18.69
N ARG A 298 23.80 -14.49 -18.91
CA ARG A 298 23.32 -15.86 -18.88
C ARG A 298 23.24 -16.35 -17.44
N GLN A 299 22.61 -17.50 -17.25
CA GLN A 299 22.55 -18.11 -15.91
C GLN A 299 23.08 -19.53 -15.97
N ILE A 300 24.06 -19.82 -15.11
CA ILE A 300 24.53 -21.19 -14.91
C ILE A 300 23.67 -21.80 -13.81
N ILE A 301 23.11 -22.99 -14.07
CA ILE A 301 22.06 -23.56 -13.26
C ILE A 301 22.50 -24.93 -12.76
N GLU A 302 22.29 -25.19 -11.47
CA GLU A 302 22.50 -26.53 -10.93
C GLU A 302 21.21 -27.04 -10.31
N ALA A 303 21.03 -28.36 -10.35
CA ALA A 303 19.94 -28.97 -9.61
C ALA A 303 20.12 -28.70 -8.12
N ASP A 304 19.02 -28.37 -7.44
CA ASP A 304 19.11 -27.96 -6.04
C ASP A 304 17.79 -28.32 -5.36
N GLY A 305 17.78 -29.44 -4.65
CA GLY A 305 16.59 -29.89 -3.98
C GLY A 305 16.11 -29.00 -2.86
N SER A 306 16.91 -28.02 -2.44
CA SER A 306 16.48 -27.14 -1.35
C SER A 306 15.60 -26.00 -1.80
N VAL A 307 15.37 -25.86 -3.11
CA VAL A 307 14.58 -24.74 -3.65
C VAL A 307 13.17 -25.25 -3.90
N PRO A 308 12.17 -24.85 -3.10
CA PRO A 308 10.81 -25.36 -3.29
C PRO A 308 10.29 -25.11 -4.69
N VAL A 309 9.54 -26.10 -5.21
CA VAL A 309 8.85 -26.07 -6.50
C VAL A 309 9.83 -26.18 -7.66
N LEU A 310 10.81 -25.28 -7.74
CA LEU A 310 11.66 -25.19 -8.92
C LEU A 310 12.80 -26.22 -8.91
N GLY A 311 13.39 -26.47 -7.75
CA GLY A 311 14.45 -27.46 -7.67
C GLY A 311 15.73 -27.12 -8.41
N PHE A 312 16.02 -25.84 -8.63
CA PHE A 312 17.26 -25.42 -9.25
C PHE A 312 17.72 -24.13 -8.61
N SER A 313 19.03 -23.87 -8.72
CA SER A 313 19.67 -22.64 -8.25
C SER A 313 20.66 -22.13 -9.28
N GLN A 314 20.72 -20.81 -9.40
CA GLN A 314 21.81 -20.18 -10.15
C GLN A 314 23.11 -20.24 -9.37
N VAL A 315 24.20 -20.52 -10.07
CA VAL A 315 25.54 -20.47 -9.50
C VAL A 315 26.35 -19.47 -10.32
N PRO A 316 27.49 -19.01 -9.80
CA PRO A 316 28.24 -17.97 -10.50
C PRO A 316 28.68 -18.41 -11.88
N GLY A 317 28.68 -17.47 -12.82
CA GLY A 317 29.20 -17.72 -14.15
C GLY A 317 30.72 -17.76 -14.12
N PRO A 318 31.31 -18.50 -15.07
CA PRO A 318 32.76 -18.76 -15.01
C PRO A 318 33.63 -17.67 -15.60
N ASN A 319 33.10 -16.76 -16.41
CA ASN A 319 33.96 -15.73 -17.01
C ASN A 319 34.59 -14.86 -15.93
N ALA A 320 35.83 -14.42 -16.19
CA ALA A 320 36.53 -13.63 -15.19
C ALA A 320 35.85 -12.28 -14.97
N GLU A 321 35.32 -11.72 -16.05
CA GLU A 321 34.78 -10.35 -16.01
C GLU A 321 33.39 -10.35 -15.37
N HIS A 322 33.22 -9.57 -14.30
CA HIS A 322 31.96 -9.41 -13.60
C HIS A 322 31.77 -7.94 -13.27
N THR A 323 30.52 -7.47 -13.31
CA THR A 323 30.23 -6.08 -13.00
C THR A 323 30.21 -5.87 -11.48
N MET A 324 29.96 -4.62 -11.05
CA MET A 324 30.01 -4.31 -9.63
C MET A 324 28.91 -4.98 -8.83
N ILE A 325 27.83 -5.43 -9.47
CA ILE A 325 26.80 -6.19 -8.79
C ILE A 325 26.93 -7.68 -9.10
N ASP A 326 28.12 -8.12 -9.49
CA ASP A 326 28.46 -9.53 -9.66
C ASP A 326 27.67 -10.18 -10.78
N TRP A 327 27.33 -9.42 -11.81
CA TRP A 327 26.75 -9.97 -13.02
C TRP A 327 27.86 -10.32 -13.99
N GLU A 328 27.91 -11.60 -14.40
CA GLU A 328 28.94 -12.04 -15.33
C GLU A 328 28.81 -11.33 -16.66
N VAL A 329 29.94 -10.89 -17.22
CA VAL A 329 29.97 -10.28 -18.54
C VAL A 329 30.10 -11.39 -19.58
N HIS A 330 29.13 -11.50 -20.48
CA HIS A 330 29.09 -12.59 -21.46
C HIS A 330 28.37 -12.13 -22.73
N PRO A 331 29.05 -11.39 -23.60
CA PRO A 331 28.37 -10.89 -24.81
C PRO A 331 27.88 -11.98 -25.77
N ALA A 332 28.53 -13.15 -25.77
CA ALA A 332 28.06 -14.23 -26.61
C ALA A 332 26.62 -14.60 -26.30
N GLY A 333 26.20 -14.43 -25.05
CA GLY A 333 24.83 -14.73 -24.69
C GLY A 333 23.82 -13.84 -25.37
N LEU A 334 24.21 -12.62 -25.70
CA LEU A 334 23.32 -11.72 -26.44
C LEU A 334 23.19 -12.18 -27.88
N GLU A 335 24.33 -12.50 -28.53
CA GLU A 335 24.25 -13.08 -29.87
C GLU A 335 23.34 -14.32 -29.90
N GLU A 336 23.53 -15.20 -28.92
CA GLU A 336 22.77 -16.46 -28.89
C GLU A 336 21.28 -16.22 -28.70
N LEU A 337 20.89 -15.31 -27.80
CA LEU A 337 19.46 -15.10 -27.58
C LEU A 337 18.80 -14.42 -28.77
N ILE A 338 19.49 -13.47 -29.41
CA ILE A 338 18.92 -12.87 -30.62
C ILE A 338 18.65 -13.96 -31.66
N LEU A 339 19.64 -14.86 -31.84
CA LEU A 339 19.45 -15.92 -32.82
C LEU A 339 18.34 -16.91 -32.39
N ARG A 340 18.20 -17.17 -31.10
CA ARG A 340 17.13 -18.07 -30.66
C ARG A 340 15.77 -17.47 -30.94
N LEU A 341 15.59 -16.18 -30.70
CA LEU A 341 14.33 -15.52 -31.00
C LEU A 341 14.04 -15.60 -32.50
N ALA A 342 15.07 -15.39 -33.32
CA ALA A 342 14.86 -15.43 -34.77
C ALA A 342 14.57 -16.84 -35.28
N LYS A 343 15.26 -17.84 -34.73
CA LYS A 343 15.22 -19.19 -35.28
C LYS A 343 14.13 -20.05 -34.64
N GLU A 344 14.15 -20.16 -33.31
CA GLU A 344 13.20 -20.98 -32.56
C GLU A 344 11.82 -20.33 -32.44
N TYR A 345 11.74 -19.01 -32.35
CA TYR A 345 10.45 -18.35 -32.21
C TYR A 345 10.02 -17.58 -33.45
N GLY A 346 10.80 -17.63 -34.54
CA GLY A 346 10.41 -17.01 -35.79
C GLY A 346 10.13 -15.53 -35.68
N ALA A 347 10.81 -14.83 -34.78
CA ALA A 347 10.56 -13.41 -34.60
C ALA A 347 10.88 -12.64 -35.88
N GLU A 348 9.92 -11.80 -36.30
CA GLU A 348 10.10 -11.03 -37.53
C GLU A 348 10.88 -9.75 -37.30
N LYS A 349 10.84 -9.20 -36.09
CA LYS A 349 11.57 -7.98 -35.77
C LYS A 349 11.98 -8.05 -34.30
N ILE A 350 13.26 -7.84 -34.03
CA ILE A 350 13.80 -7.92 -32.68
C ILE A 350 14.48 -6.60 -32.36
N TYR A 351 14.19 -6.03 -31.19
CA TYR A 351 15.02 -4.95 -30.66
C TYR A 351 15.75 -5.45 -29.42
N VAL A 352 17.00 -5.02 -29.24
CA VAL A 352 17.60 -5.09 -27.91
C VAL A 352 17.10 -3.85 -27.17
N THR A 353 16.07 -4.02 -26.33
CA THR A 353 15.45 -2.89 -25.66
C THR A 353 16.19 -2.47 -24.39
N GLU A 354 17.11 -3.31 -23.87
CA GLU A 354 18.03 -2.93 -22.80
C GLU A 354 19.27 -3.80 -22.85
N ASN A 355 20.42 -3.17 -22.63
CA ASN A 355 21.68 -3.86 -22.38
C ASN A 355 22.63 -2.81 -21.81
N GLY A 356 23.42 -3.19 -20.80
CA GLY A 356 24.31 -2.22 -20.19
C GLY A 356 24.93 -2.81 -18.94
N SER A 357 25.68 -1.98 -18.21
CA SER A 357 26.45 -2.51 -17.09
C SER A 357 26.75 -1.44 -16.05
N ALA A 358 26.95 -1.89 -14.81
CA ALA A 358 27.22 -1.03 -13.67
C ALA A 358 28.62 -1.31 -13.14
N TRP A 359 29.40 -0.23 -12.96
CA TRP A 359 30.76 -0.29 -12.46
C TRP A 359 30.96 0.85 -11.48
N VAL A 360 32.01 0.75 -10.65
CA VAL A 360 32.31 1.84 -9.74
CA VAL A 360 32.35 1.83 -9.73
C VAL A 360 32.91 2.99 -10.53
N ASP A 361 32.25 4.14 -10.46
CA ASP A 361 32.68 5.34 -11.16
C ASP A 361 33.47 6.23 -10.21
N GLN A 362 34.49 6.91 -10.76
CA GLN A 362 35.34 7.81 -9.98
C GLN A 362 35.27 9.21 -10.58
N PRO A 363 34.21 9.96 -10.29
CA PRO A 363 34.08 11.31 -10.85
C PRO A 363 35.12 12.26 -10.28
N ASP A 364 35.51 13.24 -11.10
CA ASP A 364 36.29 14.37 -10.58
C ASP A 364 35.30 15.42 -10.06
N ALA A 365 35.82 16.59 -9.64
CA ALA A 365 34.99 17.59 -8.97
C ALA A 365 33.86 18.12 -9.85
N GLU A 366 33.99 18.02 -11.16
CA GLU A 366 33.01 18.45 -12.13
C GLU A 366 32.29 17.30 -12.78
N PHE A 367 32.42 16.13 -12.16
CA PHE A 367 31.67 14.91 -12.41
C PHE A 367 32.04 14.23 -13.71
N ALA A 368 33.23 14.53 -14.24
CA ALA A 368 33.75 13.78 -15.37
C ALA A 368 34.17 12.39 -14.93
N VAL A 369 33.78 11.39 -15.71
CA VAL A 369 34.04 9.99 -15.41
C VAL A 369 34.61 9.30 -16.65
N ASP A 370 35.76 8.66 -16.48
CA ASP A 370 36.33 7.76 -17.47
C ASP A 370 36.04 6.34 -17.03
N ASP A 371 35.17 5.64 -17.77
CA ASP A 371 34.63 4.34 -17.37
C ASP A 371 35.00 3.28 -18.42
N PRO A 372 36.24 2.82 -18.43
CA PRO A 372 36.68 1.91 -19.50
C PRO A 372 35.96 0.57 -19.48
N ASP A 373 35.54 0.07 -18.32
CA ASP A 373 34.87 -1.23 -18.30
C ASP A 373 33.45 -1.12 -18.83
N ARG A 374 32.74 -0.05 -18.49
CA ARG A 374 31.41 0.16 -19.08
C ARG A 374 31.51 0.31 -20.60
N THR A 375 32.53 1.04 -21.07
CA THR A 375 32.71 1.25 -22.50
C THR A 375 33.01 -0.07 -23.21
N ALA A 376 33.90 -0.88 -22.63
CA ALA A 376 34.24 -2.16 -23.24
C ALA A 376 33.04 -3.10 -23.27
N TYR A 377 32.23 -3.12 -22.20
CA TYR A 377 31.01 -3.92 -22.20
C TYR A 377 30.10 -3.52 -23.35
N LEU A 378 29.89 -2.21 -23.52
CA LEU A 378 29.09 -1.72 -24.64
C LEU A 378 29.64 -2.20 -25.98
N GLU A 379 30.92 -1.99 -26.23
CA GLU A 379 31.48 -2.36 -27.53
CA GLU A 379 31.48 -2.36 -27.53
C GLU A 379 31.38 -3.85 -27.79
N GLU A 380 31.64 -4.68 -26.77
CA GLU A 380 31.58 -6.13 -26.98
C GLU A 380 30.14 -6.60 -27.24
N HIS A 381 29.16 -6.00 -26.59
CA HIS A 381 27.79 -6.42 -26.86
C HIS A 381 27.30 -5.90 -28.21
N LEU A 382 27.74 -4.72 -28.63
CA LEU A 382 27.43 -4.31 -30.00
C LEU A 382 28.03 -5.28 -31.01
N ALA A 383 29.27 -5.76 -30.77
CA ALA A 383 29.86 -6.73 -31.68
C ALA A 383 29.03 -8.02 -31.75
N ALA A 384 28.49 -8.45 -30.59
CA ALA A 384 27.60 -9.61 -30.60
C ALA A 384 26.35 -9.37 -31.43
N CYS A 385 25.78 -8.16 -31.35
CA CYS A 385 24.65 -7.80 -32.20
C CYS A 385 25.01 -7.90 -33.68
N VAL A 386 26.18 -7.36 -34.04
CA VAL A 386 26.62 -7.42 -35.44
C VAL A 386 26.73 -8.87 -35.90
N ARG A 387 27.30 -9.74 -35.07
CA ARG A 387 27.42 -11.14 -35.47
C ARG A 387 26.04 -11.78 -35.66
N ALA A 388 25.08 -11.46 -34.80
CA ALA A 388 23.74 -12.01 -34.97
C ALA A 388 23.11 -11.53 -36.28
N VAL A 389 23.30 -10.26 -36.63
CA VAL A 389 22.79 -9.74 -37.90
C VAL A 389 23.47 -10.44 -39.08
N GLU A 390 24.78 -10.69 -38.98
CA GLU A 390 25.48 -11.35 -40.08
C GLU A 390 24.95 -12.76 -40.29
N GLN A 391 24.42 -13.38 -39.24
CA GLN A 391 23.82 -14.70 -39.33
C GLN A 391 22.32 -14.67 -39.61
N GLY A 392 21.80 -13.51 -40.04
CA GLY A 392 20.46 -13.41 -40.55
C GLY A 392 19.40 -12.92 -39.58
N ALA A 393 19.77 -12.57 -38.36
CA ALA A 393 18.74 -12.17 -37.40
C ALA A 393 18.15 -10.81 -37.78
N PRO A 394 16.82 -10.65 -37.68
CA PRO A 394 16.18 -9.36 -38.00
C PRO A 394 16.25 -8.38 -36.83
N LEU A 395 17.48 -8.00 -36.48
CA LEU A 395 17.71 -7.07 -35.39
C LEU A 395 17.53 -5.65 -35.89
N ALA A 396 16.57 -4.94 -35.33
CA ALA A 396 16.17 -3.62 -35.80
C ALA A 396 16.76 -2.47 -35.00
N GLY A 397 17.31 -2.72 -33.81
CA GLY A 397 17.89 -1.63 -33.06
C GLY A 397 18.44 -2.10 -31.74
N TYR A 398 19.09 -1.14 -31.05
CA TYR A 398 19.78 -1.40 -29.79
C TYR A 398 19.59 -0.20 -28.88
N PHE A 399 19.13 -0.46 -27.66
CA PHE A 399 18.90 0.56 -26.64
C PHE A 399 19.83 0.34 -25.46
N ALA A 400 20.72 1.30 -25.21
CA ALA A 400 21.64 1.23 -24.08
C ALA A 400 20.91 1.54 -22.78
N TRP A 401 20.96 0.61 -21.83
CA TRP A 401 20.51 0.92 -20.48
C TRP A 401 21.75 1.39 -19.72
N SER A 402 21.81 2.65 -19.27
CA SER A 402 20.75 3.63 -19.30
C SER A 402 21.30 4.99 -19.75
N LEU A 403 20.40 5.89 -20.14
CA LEU A 403 20.80 7.25 -20.48
C LEU A 403 21.68 7.87 -19.40
N MET A 404 21.26 7.70 -18.15
CA MET A 404 22.03 8.24 -17.03
CA MET A 404 21.99 8.28 -17.02
C MET A 404 21.80 7.38 -15.81
N ASP A 405 22.66 7.55 -14.82
CA ASP A 405 22.54 6.82 -13.56
C ASP A 405 21.17 7.03 -12.96
N ASN A 406 20.63 6.01 -12.29
CA ASN A 406 19.27 6.17 -11.75
C ASN A 406 19.04 5.16 -10.62
N PHE A 407 17.80 5.11 -10.15
CA PHE A 407 17.44 4.27 -9.01
C PHE A 407 17.33 2.82 -9.47
N GLU A 408 18.29 1.97 -9.08
CA GLU A 408 18.27 0.58 -9.52
C GLU A 408 17.55 -0.31 -8.49
N TRP A 409 16.28 0.02 -8.28
CA TRP A 409 15.32 -0.87 -7.62
C TRP A 409 15.85 -1.24 -6.23
N ALA A 410 15.86 -2.53 -5.85
CA ALA A 410 16.24 -2.88 -4.49
C ALA A 410 17.72 -2.66 -4.22
N TYR A 411 18.53 -2.44 -5.25
CA TYR A 411 19.91 -2.04 -5.04
C TYR A 411 20.05 -0.57 -4.71
N GLY A 412 18.99 0.23 -4.88
CA GLY A 412 19.14 1.66 -4.68
C GLY A 412 20.02 2.30 -5.74
N TYR A 413 20.69 3.39 -5.36
CA TYR A 413 21.49 4.16 -6.32
C TYR A 413 22.92 3.63 -6.49
N ALA A 414 23.36 2.68 -5.67
CA ALA A 414 24.75 2.24 -5.77
C ALA A 414 25.15 1.77 -7.16
N PRO A 415 24.35 0.99 -7.89
CA PRO A 415 24.78 0.57 -9.24
C PRO A 415 24.44 1.64 -10.26
N ARG A 416 25.47 2.31 -10.77
CA ARG A 416 25.32 3.35 -11.78
C ARG A 416 25.42 2.70 -13.16
N PHE A 417 24.31 2.70 -13.91
CA PHE A 417 24.29 2.15 -15.25
C PHE A 417 24.42 3.21 -16.34
N GLY A 418 24.57 4.47 -15.97
CA GLY A 418 24.39 5.53 -16.95
C GLY A 418 25.55 5.65 -17.92
N LEU A 419 25.19 6.03 -19.14
CA LEU A 419 26.16 6.61 -20.06
C LEU A 419 26.54 8.01 -19.61
N ALA A 420 25.71 8.64 -18.79
CA ALA A 420 25.99 9.94 -18.16
C ALA A 420 25.92 9.78 -16.64
N TYR A 421 26.86 10.43 -15.96
CA TYR A 421 26.91 10.44 -14.50
C TYR A 421 25.92 11.47 -13.96
N VAL A 422 25.25 11.11 -12.86
CA VAL A 422 24.34 12.03 -12.18
C VAL A 422 24.88 12.36 -10.80
N ASP A 423 25.12 13.64 -10.54
CA ASP A 423 25.36 14.13 -9.19
C ASP A 423 23.99 14.30 -8.54
N TYR A 424 23.59 13.34 -7.71
CA TYR A 424 22.21 13.36 -7.23
C TYR A 424 21.84 14.62 -6.44
N PRO A 425 22.71 15.20 -5.60
CA PRO A 425 22.28 16.41 -4.87
C PRO A 425 21.91 17.58 -5.77
N THR A 426 22.54 17.71 -6.94
CA THR A 426 22.27 18.84 -7.84
C THR A 426 21.52 18.45 -9.09
N GLY A 427 21.41 17.15 -9.40
CA GLY A 427 20.87 16.73 -10.67
C GLY A 427 21.79 16.95 -11.85
N THR A 428 23.02 17.41 -11.64
CA THR A 428 23.92 17.64 -12.76
C THR A 428 24.21 16.31 -13.48
N ARG A 429 24.00 16.30 -14.79
CA ARG A 429 24.31 15.15 -15.63
C ARG A 429 25.50 15.47 -16.50
N VAL A 430 26.50 14.58 -16.51
CA VAL A 430 27.72 14.77 -17.28
C VAL A 430 28.03 13.48 -18.01
N MET A 431 28.13 13.55 -19.33
CA MET A 431 28.39 12.34 -20.12
C MET A 431 29.72 11.71 -19.74
N LYS A 432 29.69 10.40 -19.54
CA LYS A 432 30.88 9.61 -19.27
C LYS A 432 31.59 9.27 -20.57
N THR A 433 32.81 8.73 -20.45
CA THR A 433 33.52 8.22 -21.62
C THR A 433 32.65 7.25 -22.42
N SER A 434 31.90 6.39 -21.74
CA SER A 434 31.07 5.41 -22.44
C SER A 434 30.04 6.10 -23.34
N GLY A 435 29.36 7.11 -22.81
CA GLY A 435 28.39 7.82 -23.62
C GLY A 435 29.02 8.55 -24.80
N LYS A 436 30.18 9.15 -24.59
CA LYS A 436 30.86 9.83 -25.69
C LYS A 436 31.31 8.82 -26.76
N ARG A 437 31.74 7.63 -26.32
CA ARG A 437 32.10 6.58 -27.26
C ARG A 437 30.87 6.11 -28.02
N TYR A 438 29.74 5.93 -27.33
CA TYR A 438 28.53 5.54 -28.03
C TYR A 438 28.14 6.57 -29.09
N ALA A 439 28.23 7.86 -28.75
CA ALA A 439 27.94 8.89 -29.74
C ALA A 439 28.88 8.79 -30.94
N ASP A 440 30.17 8.54 -30.69
CA ASP A 440 31.13 8.37 -31.79
C ASP A 440 30.79 7.16 -32.65
N LEU A 441 30.37 6.06 -32.02
CA LEU A 441 30.04 4.86 -32.77
C LEU A 441 28.80 5.07 -33.63
N ILE A 442 27.77 5.71 -33.08
CA ILE A 442 26.57 6.02 -33.85
C ILE A 442 26.93 6.89 -35.06
N ARG A 443 27.72 7.94 -34.82
CA ARG A 443 28.11 8.83 -35.90
C ARG A 443 28.88 8.09 -36.98
N GLY A 444 29.83 7.25 -36.58
CA GLY A 444 30.59 6.48 -37.55
C GLY A 444 29.73 5.51 -38.34
N HIS A 445 28.71 4.92 -37.71
CA HIS A 445 27.80 4.07 -38.45
C HIS A 445 27.00 4.87 -39.48
N ARG A 446 26.54 6.07 -39.12
CA ARG A 446 25.77 6.86 -40.07
C ARG A 446 26.63 7.48 -41.15
N GLU A 447 27.95 7.46 -41.00
CA GLU A 447 28.86 8.00 -42.01
C GLU A 447 29.29 6.93 -43.01
N VAL B 3 -21.43 18.38 38.40
CA VAL B 3 -22.08 17.09 38.25
C VAL B 3 -22.00 16.29 39.56
N GLU B 4 -23.09 15.61 39.91
CA GLU B 4 -23.15 14.74 41.08
C GLU B 4 -23.02 13.29 40.64
N LEU B 5 -21.98 12.61 41.13
CA LEU B 5 -21.68 11.24 40.72
C LEU B 5 -22.06 10.19 41.76
N SER B 6 -22.63 10.60 42.90
CA SER B 6 -22.94 9.63 43.95
C SER B 6 -23.85 8.49 43.52
N PRO B 7 -24.77 8.63 42.56
CA PRO B 7 -25.56 7.45 42.15
C PRO B 7 -24.76 6.35 41.49
N LEU B 8 -23.52 6.60 41.07
CA LEU B 8 -22.72 5.55 40.46
C LEU B 8 -22.12 4.64 41.52
N ARG B 9 -22.20 3.33 41.29
CA ARG B 9 -21.60 2.37 42.20
C ARG B 9 -20.11 2.60 42.37
N GLN B 10 -19.59 2.20 43.53
CA GLN B 10 -18.18 2.39 43.82
C GLN B 10 -17.29 1.56 42.91
N ASP B 11 -17.77 0.45 42.36
CA ASP B 11 -16.96 -0.35 41.43
C ASP B 11 -17.06 0.13 39.99
N PHE B 12 -17.67 1.29 39.75
CA PHE B 12 -17.61 1.95 38.45
C PHE B 12 -16.17 2.09 38.02
N VAL B 13 -15.91 1.91 36.72
CA VAL B 13 -14.55 1.96 36.19
C VAL B 13 -14.33 3.33 35.55
N TRP B 14 -13.43 4.11 36.13
CA TRP B 14 -13.04 5.40 35.57
C TRP B 14 -11.81 5.20 34.69
N GLY B 15 -11.92 5.58 33.41
CA GLY B 15 -10.84 5.31 32.48
C GLY B 15 -10.56 6.46 31.53
N THR B 16 -9.55 6.25 30.69
CA THR B 16 -9.24 7.13 29.58
C THR B 16 -8.64 6.25 28.49
N ALA B 17 -8.61 6.77 27.26
CA ALA B 17 -8.34 5.93 26.09
C ALA B 17 -7.40 6.61 25.10
N THR B 18 -6.64 5.77 24.38
CA THR B 18 -5.81 6.12 23.23
C THR B 18 -5.90 4.99 22.22
N SER B 19 -5.19 5.14 21.09
CA SER B 19 -4.97 4.02 20.17
C SER B 19 -3.55 4.12 19.64
N ALA B 20 -3.06 2.98 19.14
CA ALA B 20 -1.63 2.83 18.84
C ALA B 20 -1.17 3.77 17.73
N TYR B 21 -1.83 3.77 16.56
CA TYR B 21 -1.33 4.62 15.49
C TYR B 21 -1.45 6.09 15.85
N GLN B 22 -2.41 6.44 16.70
CA GLN B 22 -2.60 7.84 17.03
C GLN B 22 -1.53 8.39 17.97
N ILE B 23 -0.82 7.53 18.72
CA ILE B 23 0.12 8.04 19.73
C ILE B 23 1.55 7.52 19.61
N GLU B 24 1.77 6.35 19.01
CA GLU B 24 3.04 5.64 19.25
C GLU B 24 4.24 6.24 18.50
N GLY B 25 4.04 6.68 17.26
CA GLY B 25 5.21 6.99 16.45
C GLY B 25 6.08 5.75 16.26
N ALA B 26 7.38 6.00 16.09
CA ALA B 26 8.36 4.92 15.91
C ALA B 26 7.87 3.93 14.86
N VAL B 27 7.38 4.47 13.73
CA VAL B 27 6.65 3.66 12.78
C VAL B 27 7.55 2.65 12.07
N ALA B 28 8.85 2.89 12.01
CA ALA B 28 9.79 1.99 11.35
C ALA B 28 10.76 1.35 12.33
N ASP B 29 10.52 1.46 13.64
CA ASP B 29 11.44 0.99 14.65
C ASP B 29 11.09 -0.42 15.13
N ASP B 30 12.14 -1.16 15.50
CA ASP B 30 12.01 -2.41 16.25
C ASP B 30 11.07 -3.40 15.57
N GLY B 31 11.20 -3.51 14.25
CA GLY B 31 10.54 -4.55 13.50
C GLY B 31 9.14 -4.23 13.00
N ARG B 32 8.61 -3.04 13.32
CA ARG B 32 7.28 -2.71 12.83
C ARG B 32 7.29 -2.56 11.32
N LEU B 33 6.22 -3.03 10.67
CA LEU B 33 6.00 -2.80 9.25
C LEU B 33 4.82 -1.86 9.04
N PRO B 34 4.70 -1.25 7.88
CA PRO B 34 3.65 -0.24 7.70
C PRO B 34 2.24 -0.82 7.79
N SER B 35 1.34 0.00 8.34
CA SER B 35 -0.09 -0.23 8.30
C SER B 35 -0.72 0.54 7.14
N ILE B 36 -2.01 0.26 6.91
CA ILE B 36 -2.73 1.04 5.91
C ILE B 36 -2.79 2.52 6.26
N TRP B 37 -2.65 2.88 7.53
CA TRP B 37 -2.64 4.31 7.86
C TRP B 37 -1.29 4.96 7.55
N ASP B 38 -0.17 4.22 7.70
CA ASP B 38 1.10 4.72 7.16
C ASP B 38 0.95 5.06 5.68
N THR B 39 0.38 4.13 4.91
CA THR B 39 0.21 4.31 3.49
C THR B 39 -0.72 5.49 3.18
N PHE B 40 -1.85 5.58 3.91
CA PHE B 40 -2.80 6.65 3.67
C PHE B 40 -2.17 8.02 3.93
N CYS B 41 -1.28 8.10 4.93
CA CYS B 41 -0.62 9.37 5.20
C CYS B 41 0.34 9.81 4.10
N ARG B 42 0.71 8.93 3.16
CA ARG B 42 1.54 9.31 2.03
C ARG B 42 0.71 9.76 0.83
N VAL B 43 -0.60 9.72 0.92
CA VAL B 43 -1.48 10.10 -0.20
C VAL B 43 -1.70 11.61 -0.12
N PRO B 44 -1.28 12.40 -1.11
CA PRO B 44 -1.53 13.84 -1.04
C PRO B 44 -3.02 14.13 -0.93
N GLY B 45 -3.36 15.01 0.02
CA GLY B 45 -4.73 15.39 0.25
C GLY B 45 -5.51 14.50 1.21
N ALA B 46 -4.98 13.33 1.56
CA ALA B 46 -5.73 12.42 2.45
C ALA B 46 -5.84 12.98 3.85
N ILE B 47 -4.78 13.61 4.36
CA ILE B 47 -4.74 14.10 5.73
C ILE B 47 -4.65 15.63 5.71
N ASP B 48 -5.49 16.29 6.51
CA ASP B 48 -5.39 17.74 6.63
C ASP B 48 -3.98 18.15 7.01
N ASN B 49 -3.48 19.20 6.34
CA ASN B 49 -2.18 19.80 6.59
C ASN B 49 -1.02 18.85 6.30
N GLY B 50 -1.29 17.72 5.64
CA GLY B 50 -0.21 16.79 5.35
C GLY B 50 0.39 16.13 6.58
N ASP B 51 -0.38 16.07 7.67
CA ASP B 51 0.11 15.44 8.88
C ASP B 51 0.25 13.92 8.68
N THR B 52 1.14 13.31 9.49
CA THR B 52 1.29 11.86 9.49
C THR B 52 1.43 11.37 10.92
N GLY B 53 1.27 10.05 11.11
CA GLY B 53 1.52 9.44 12.39
C GLY B 53 2.96 8.97 12.60
N ASP B 54 3.89 9.50 11.81
CA ASP B 54 5.27 9.00 11.89
C ASP B 54 5.85 9.16 13.28
N VAL B 55 5.59 10.29 13.94
CA VAL B 55 6.12 10.58 15.27
C VAL B 55 5.01 10.62 16.32
N ALA B 56 3.92 11.34 16.03
CA ALA B 56 2.76 11.41 16.94
C ALA B 56 3.25 11.87 18.31
N CYS B 57 2.90 11.18 19.39
CA CYS B 57 3.32 11.51 20.74
C CYS B 57 4.58 10.76 21.17
N ASP B 58 5.16 9.95 20.28
CA ASP B 58 6.34 9.13 20.60
C ASP B 58 6.09 8.20 21.79
N SER B 59 4.87 7.68 21.92
CA SER B 59 4.55 6.84 23.08
C SER B 59 5.24 5.48 23.03
N TYR B 60 5.72 5.04 21.87
CA TYR B 60 6.49 3.80 21.86
C TYR B 60 7.77 3.95 22.66
N HIS B 61 8.49 5.05 22.46
CA HIS B 61 9.73 5.24 23.21
C HIS B 61 9.53 5.97 24.51
N ARG B 62 8.39 6.65 24.70
CA ARG B 62 8.18 7.51 25.87
C ARG B 62 6.92 7.14 26.66
N TRP B 63 6.54 5.85 26.62
CA TRP B 63 5.44 5.30 27.41
C TRP B 63 5.44 5.77 28.88
N PRO B 64 6.59 5.85 29.57
CA PRO B 64 6.53 6.26 30.98
C PRO B 64 5.88 7.62 31.20
N GLU B 65 5.97 8.54 30.23
CA GLU B 65 5.31 9.84 30.38
C GLU B 65 3.79 9.72 30.28
N ASP B 66 3.31 8.76 29.47
CA ASP B 66 1.88 8.45 29.47
C ASP B 66 1.45 7.88 30.81
N LEU B 67 2.24 6.95 31.36
CA LEU B 67 1.92 6.39 32.65
C LEU B 67 1.87 7.48 33.72
N ALA B 68 2.79 8.45 33.66
CA ALA B 68 2.75 9.57 34.60
C ALA B 68 1.42 10.32 34.51
N LEU B 69 0.93 10.56 33.28
CA LEU B 69 -0.38 11.19 33.16
C LEU B 69 -1.49 10.34 33.78
N LEU B 70 -1.45 9.03 33.54
CA LEU B 70 -2.49 8.15 34.07
C LEU B 70 -2.51 8.18 35.59
N LYS B 71 -1.33 8.23 36.21
CA LYS B 71 -1.26 8.35 37.67
C LYS B 71 -1.82 9.68 38.13
N GLN B 72 -1.51 10.76 37.40
CA GLN B 72 -2.07 12.06 37.76
C GLN B 72 -3.59 12.05 37.71
N LEU B 73 -4.18 11.34 36.75
CA LEU B 73 -5.63 11.31 36.67
C LEU B 73 -6.24 10.50 37.79
N GLY B 74 -5.54 9.48 38.29
CA GLY B 74 -6.14 8.55 39.22
C GLY B 74 -7.17 7.63 38.61
N VAL B 75 -7.10 7.40 37.29
CA VAL B 75 -8.04 6.48 36.66
C VAL B 75 -7.81 5.06 37.17
N ASP B 76 -8.90 4.28 37.12
CA ASP B 76 -8.91 2.85 37.43
CA ASP B 76 -8.87 2.87 37.45
C ASP B 76 -8.48 2.00 36.27
N ALA B 77 -8.57 2.50 35.04
CA ALA B 77 -8.32 1.69 33.85
C ALA B 77 -7.78 2.56 32.73
N TYR B 78 -7.02 1.92 31.83
CA TYR B 78 -6.47 2.57 30.65
C TYR B 78 -6.85 1.74 29.44
N ARG B 79 -7.57 2.33 28.50
CA ARG B 79 -7.90 1.69 27.23
C ARG B 79 -6.87 2.11 26.19
N PHE B 80 -6.14 1.14 25.65
CA PHE B 80 -5.13 1.40 24.64
C PHE B 80 -5.22 0.29 23.61
N SER B 81 -4.61 0.49 22.44
CA SER B 81 -4.66 -0.57 21.44
C SER B 81 -3.28 -1.13 21.16
N ILE B 82 -3.27 -2.38 20.69
CA ILE B 82 -2.09 -3.08 20.21
C ILE B 82 -1.98 -2.85 18.71
N ALA B 83 -0.78 -2.51 18.24
CA ALA B 83 -0.56 -2.36 16.81
C ALA B 83 -0.27 -3.72 16.18
N TRP B 84 -1.25 -4.25 15.46
CA TRP B 84 -1.06 -5.48 14.69
C TRP B 84 0.24 -5.48 13.89
N PRO B 85 0.59 -4.43 13.13
CA PRO B 85 1.85 -4.50 12.36
C PRO B 85 3.12 -4.35 13.20
N ARG B 86 3.00 -4.09 14.50
CA ARG B 86 4.14 -4.19 15.42
C ARG B 86 4.30 -5.60 15.98
N VAL B 87 3.22 -6.38 16.04
CA VAL B 87 3.24 -7.70 16.68
C VAL B 87 3.38 -8.82 15.66
N ILE B 88 2.61 -8.76 14.58
CA ILE B 88 2.76 -9.68 13.45
C ILE B 88 2.92 -8.81 12.21
N PRO B 89 4.14 -8.35 11.91
CA PRO B 89 4.31 -7.23 10.98
C PRO B 89 3.75 -7.44 9.58
N THR B 90 3.81 -8.65 9.02
CA THR B 90 3.20 -8.90 7.72
C THR B 90 1.72 -9.30 7.81
N GLY B 91 1.18 -9.42 9.02
CA GLY B 91 -0.16 -9.94 9.18
C GLY B 91 -0.27 -11.44 9.16
N SER B 92 0.83 -12.15 8.91
CA SER B 92 0.83 -13.60 8.96
C SER B 92 2.19 -14.09 9.45
N GLY B 93 2.22 -15.33 9.91
CA GLY B 93 3.48 -15.97 10.24
C GLY B 93 4.18 -15.44 11.49
N ALA B 94 5.38 -14.89 11.29
CA ALA B 94 6.31 -14.64 12.38
C ALA B 94 5.81 -13.56 13.33
N VAL B 95 6.01 -13.80 14.62
CA VAL B 95 5.72 -12.83 15.67
C VAL B 95 6.97 -11.97 15.90
N ASN B 96 6.78 -10.66 16.01
CA ASN B 96 7.88 -9.72 16.25
C ASN B 96 8.04 -9.60 17.76
N THR B 97 9.04 -10.29 18.30
CA THR B 97 9.19 -10.39 19.76
C THR B 97 9.29 -9.02 20.41
N ALA B 98 10.10 -8.11 19.85
CA ALA B 98 10.29 -6.80 20.46
C ALA B 98 8.99 -6.02 20.55
N GLY B 99 8.16 -6.12 19.50
CA GLY B 99 6.89 -5.40 19.52
C GLY B 99 5.96 -5.91 20.61
N LEU B 100 5.80 -7.23 20.70
CA LEU B 100 4.97 -7.80 21.75
C LEU B 100 5.53 -7.51 23.14
N ASP B 101 6.86 -7.49 23.26
CA ASP B 101 7.50 -7.19 24.55
C ASP B 101 7.13 -5.79 25.04
N TYR B 102 7.04 -4.82 24.12
CA TYR B 102 6.61 -3.48 24.51
C TYR B 102 5.26 -3.52 25.23
N TYR B 103 4.28 -4.23 24.67
CA TYR B 103 2.96 -4.25 25.30
C TYR B 103 2.97 -5.07 26.57
N ASP B 104 3.80 -6.13 26.62
CA ASP B 104 3.97 -6.87 27.86
C ASP B 104 4.43 -5.95 28.98
N ARG B 105 5.39 -5.08 28.69
CA ARG B 105 5.90 -4.15 29.69
C ARG B 105 4.85 -3.12 30.06
N VAL B 106 4.11 -2.60 29.09
CA VAL B 106 3.03 -1.66 29.38
C VAL B 106 2.04 -2.29 30.36
N VAL B 107 1.66 -3.55 30.11
CA VAL B 107 0.70 -4.22 30.98
C VAL B 107 1.26 -4.34 32.40
N ASP B 108 2.51 -4.79 32.52
CA ASP B 108 3.12 -4.91 33.86
C ASP B 108 3.15 -3.56 34.58
N ASP B 109 3.52 -2.50 33.87
CA ASP B 109 3.61 -1.18 34.51
C ASP B 109 2.24 -0.69 34.99
N LEU B 110 1.22 -0.86 34.15
CA LEU B 110 -0.13 -0.49 34.53
C LEU B 110 -0.56 -1.22 35.80
N LEU B 111 -0.39 -2.55 35.83
CA LEU B 111 -0.85 -3.29 37.00
C LEU B 111 -0.04 -2.92 38.25
N ALA B 112 1.25 -2.63 38.10
CA ALA B 112 2.03 -2.16 39.24
C ALA B 112 1.50 -0.85 39.79
N GLU B 113 0.86 -0.03 38.96
CA GLU B 113 0.23 1.19 39.47
C GLU B 113 -1.25 1.02 39.81
N GLY B 114 -1.76 -0.21 39.81
CA GLY B 114 -3.16 -0.40 40.14
C GLY B 114 -4.14 0.02 39.06
N ILE B 115 -3.72 0.04 37.79
CA ILE B 115 -4.57 0.44 36.67
C ILE B 115 -4.84 -0.79 35.83
N LYS B 116 -6.12 -1.03 35.53
CA LYS B 116 -6.49 -2.20 34.72
C LYS B 116 -6.30 -1.91 33.23
N PRO B 117 -5.61 -2.78 32.50
CA PRO B 117 -5.49 -2.59 31.04
C PRO B 117 -6.76 -3.08 30.34
N PHE B 118 -7.31 -2.21 29.49
CA PHE B 118 -8.41 -2.55 28.59
C PHE B 118 -7.84 -2.51 27.17
N VAL B 119 -7.63 -3.68 26.58
CA VAL B 119 -6.82 -3.79 25.37
C VAL B 119 -7.72 -3.90 24.15
N THR B 120 -7.55 -2.96 23.21
CA THR B 120 -8.17 -3.02 21.89
C THR B 120 -7.23 -3.74 20.93
N LEU B 121 -7.71 -4.81 20.29
CA LEU B 121 -6.85 -5.54 19.36
C LEU B 121 -6.76 -4.84 18.00
N TYR B 122 -7.88 -4.36 17.46
CA TYR B 122 -7.87 -3.74 16.13
C TYR B 122 -8.40 -2.32 16.23
N HIS B 123 -7.51 -1.35 16.12
CA HIS B 123 -7.91 0.05 16.06
C HIS B 123 -7.42 0.66 14.76
N TRP B 124 -7.69 -0.03 13.64
CA TRP B 124 -7.73 0.45 12.25
C TRP B 124 -6.42 0.26 11.52
N ASP B 125 -5.34 -0.11 12.21
CA ASP B 125 -4.00 -0.17 11.61
C ASP B 125 -3.73 -1.56 11.02
N LEU B 126 -4.55 -1.93 10.05
CA LEU B 126 -4.34 -3.18 9.32
C LEU B 126 -2.94 -3.20 8.71
N PRO B 127 -2.19 -4.29 8.85
CA PRO B 127 -0.90 -4.39 8.15
C PRO B 127 -1.10 -4.16 6.65
N GLN B 128 -0.25 -3.29 6.08
CA GLN B 128 -0.33 -3.03 4.65
C GLN B 128 -0.13 -4.31 3.84
N ALA B 129 0.65 -5.26 4.37
CA ALA B 129 0.84 -6.51 3.66
C ALA B 129 -0.49 -7.25 3.46
N LEU B 130 -1.40 -7.17 4.42
CA LEU B 130 -2.71 -7.80 4.22
C LEU B 130 -3.60 -6.99 3.27
N GLN B 131 -3.48 -5.66 3.29
CA GLN B 131 -4.21 -4.86 2.32
C GLN B 131 -3.78 -5.19 0.90
N ASP B 132 -2.50 -5.52 0.71
CA ASP B 132 -2.01 -5.90 -0.61
C ASP B 132 -2.61 -7.21 -1.11
N LEU B 133 -3.27 -7.98 -0.24
CA LEU B 133 -4.02 -9.16 -0.61
C LEU B 133 -5.51 -8.90 -0.69
N GLY B 134 -5.92 -7.64 -0.63
CA GLY B 134 -7.33 -7.27 -0.64
C GLY B 134 -7.88 -6.81 0.69
N GLY B 135 -7.10 -6.93 1.77
CA GLY B 135 -7.55 -6.37 3.05
C GLY B 135 -8.87 -6.97 3.52
N TRP B 136 -9.78 -6.11 3.96
CA TRP B 136 -11.04 -6.58 4.51
C TRP B 136 -12.02 -7.07 3.44
N ASP B 137 -11.68 -6.97 2.16
CA ASP B 137 -12.45 -7.65 1.12
C ASP B 137 -11.91 -9.04 0.84
N ASN B 138 -11.03 -9.55 1.69
CA ASN B 138 -10.50 -10.91 1.63
C ASN B 138 -10.83 -11.58 2.95
N ARG B 139 -11.70 -12.61 2.89
CA ARG B 139 -12.09 -13.34 4.10
C ARG B 139 -10.88 -13.84 4.89
N ASP B 140 -9.77 -14.14 4.20
CA ASP B 140 -8.59 -14.62 4.91
C ASP B 140 -8.15 -13.65 5.99
N THR B 141 -8.36 -12.35 5.77
CA THR B 141 -7.94 -11.36 6.74
C THR B 141 -8.59 -11.58 8.10
N ALA B 142 -9.85 -12.03 8.12
CA ALA B 142 -10.50 -12.30 9.40
C ALA B 142 -9.79 -13.41 10.15
N TYR B 143 -9.32 -14.43 9.42
CA TYR B 143 -8.60 -15.50 10.09
C TYR B 143 -7.21 -15.05 10.51
N ARG B 144 -6.57 -14.15 9.73
CA ARG B 144 -5.33 -13.56 10.20
C ARG B 144 -5.57 -12.81 11.49
N PHE B 145 -6.72 -12.10 11.58
CA PHE B 145 -6.99 -11.36 12.81
C PHE B 145 -7.12 -12.32 13.98
N ALA B 146 -7.80 -13.46 13.78
CA ALA B 146 -7.97 -14.40 14.87
C ALA B 146 -6.63 -14.94 15.33
N GLU B 147 -5.72 -15.20 14.38
CA GLU B 147 -4.41 -15.70 14.76
C GLU B 147 -3.69 -14.67 15.61
N TYR B 148 -3.81 -13.41 15.22
CA TYR B 148 -3.19 -12.33 15.97
C TYR B 148 -3.80 -12.24 17.36
N ALA B 149 -5.14 -12.36 17.44
CA ALA B 149 -5.78 -12.33 18.75
C ALA B 149 -5.24 -13.43 19.65
N ALA B 150 -5.02 -14.63 19.08
CA ALA B 150 -4.54 -15.72 19.90
C ALA B 150 -3.13 -15.43 20.40
N VAL B 151 -2.28 -14.89 19.52
CA VAL B 151 -0.91 -14.57 19.94
C VAL B 151 -0.94 -13.60 21.10
N VAL B 152 -1.78 -12.58 21.00
CA VAL B 152 -1.74 -11.55 22.03
C VAL B 152 -2.38 -12.10 23.30
N GLY B 153 -3.45 -12.89 23.14
CA GLY B 153 -4.14 -13.40 24.31
C GLY B 153 -3.27 -14.36 25.08
N ALA B 154 -2.52 -15.20 24.37
CA ALA B 154 -1.65 -16.14 25.05
C ALA B 154 -0.56 -15.42 25.81
N LYS B 155 -0.12 -14.26 25.28
CA LYS B 155 1.01 -13.58 25.91
C LYS B 155 0.57 -12.73 27.09
N LEU B 156 -0.54 -12.01 26.93
CA LEU B 156 -0.98 -11.01 27.90
C LEU B 156 -2.17 -11.41 28.74
N GLY B 157 -2.89 -12.48 28.36
CA GLY B 157 -4.17 -12.84 28.96
C GLY B 157 -4.14 -13.44 30.35
N ASP B 158 -2.94 -13.63 30.93
CA ASP B 158 -2.84 -13.90 32.35
C ASP B 158 -3.03 -12.65 33.20
N ARG B 159 -2.85 -11.48 32.61
CA ARG B 159 -2.90 -10.20 33.30
C ARG B 159 -3.96 -9.27 32.73
N VAL B 160 -4.08 -9.19 31.41
CA VAL B 160 -5.17 -8.45 30.78
C VAL B 160 -6.43 -9.30 30.85
N ARG B 161 -7.47 -8.75 31.46
CA ARG B 161 -8.73 -9.47 31.64
C ARG B 161 -9.89 -8.82 30.89
N ASP B 162 -9.66 -7.69 30.22
CA ASP B 162 -10.72 -6.91 29.58
C ASP B 162 -10.24 -6.54 28.18
N TRP B 163 -10.98 -6.98 27.18
CA TRP B 163 -10.53 -6.98 25.79
C TRP B 163 -11.61 -6.44 24.86
N VAL B 164 -11.19 -5.62 23.90
CA VAL B 164 -12.01 -5.18 22.78
C VAL B 164 -11.44 -5.81 21.51
N THR B 165 -12.32 -6.43 20.71
CA THR B 165 -11.87 -6.98 19.43
C THR B 165 -11.59 -5.88 18.42
N LEU B 166 -12.66 -5.24 17.94
CA LEU B 166 -12.56 -4.17 16.95
C LEU B 166 -13.05 -2.87 17.56
N ASN B 167 -12.40 -1.78 17.18
CA ASN B 167 -12.88 -0.43 17.46
C ASN B 167 -13.61 0.14 16.25
N GLU B 168 -14.88 0.53 16.43
CA GLU B 168 -15.64 1.29 15.44
C GLU B 168 -15.56 0.68 14.04
N PRO B 169 -16.10 -0.52 13.84
CA PRO B 169 -16.09 -1.10 12.49
C PRO B 169 -16.80 -0.25 11.44
N LEU B 170 -17.78 0.58 11.83
CA LEU B 170 -18.38 1.50 10.86
C LEU B 170 -17.33 2.37 10.20
N CYS B 171 -16.34 2.83 10.97
CA CYS B 171 -15.34 3.70 10.37
C CYS B 171 -14.48 2.92 9.39
N SER B 172 -14.01 1.74 9.79
CA SER B 172 -13.21 0.90 8.89
C SER B 172 -13.97 0.62 7.60
N ALA B 173 -15.22 0.17 7.73
CA ALA B 173 -15.99 -0.26 6.57
C ALA B 173 -16.54 0.92 5.76
N TRP B 174 -17.44 1.71 6.36
CA TRP B 174 -18.07 2.79 5.59
C TRP B 174 -17.11 3.92 5.29
N ILE B 175 -16.37 4.41 6.29
CA ILE B 175 -15.54 5.57 5.98
C ILE B 175 -14.29 5.12 5.24
N GLY B 176 -13.79 3.90 5.49
CA GLY B 176 -12.58 3.45 4.81
C GLY B 176 -12.79 2.88 3.42
N HIS B 177 -13.99 2.36 3.11
CA HIS B 177 -14.23 1.67 1.83
C HIS B 177 -15.40 2.19 1.01
N TRP B 178 -16.26 3.03 1.56
CA TRP B 178 -17.37 3.58 0.81
C TRP B 178 -17.11 5.06 0.54
N GLU B 179 -16.95 5.77 1.63
CA GLU B 179 -16.69 7.19 1.62
C GLU B 179 -15.25 7.50 1.20
N GLY B 180 -14.27 6.63 1.48
CA GLY B 180 -12.90 6.86 1.07
C GLY B 180 -12.11 7.88 1.87
N ARG B 181 -12.66 8.35 2.98
CA ARG B 181 -12.03 9.41 3.74
C ARG B 181 -11.11 8.89 4.83
N MET B 182 -11.14 7.59 5.09
CA MET B 182 -10.20 6.93 5.98
C MET B 182 -9.52 5.81 5.23
N ALA B 183 -8.40 5.33 5.77
CA ALA B 183 -7.65 4.24 5.13
C ALA B 183 -8.54 3.00 4.99
N PRO B 184 -8.43 2.28 3.86
CA PRO B 184 -7.49 2.44 2.75
C PRO B 184 -7.94 3.39 1.64
N GLY B 185 -9.02 4.13 1.84
CA GLY B 185 -9.41 5.12 0.85
C GLY B 185 -10.16 4.57 -0.33
N ILE B 186 -10.74 3.40 -0.18
CA ILE B 186 -11.54 2.80 -1.24
C ILE B 186 -12.91 3.47 -1.27
N THR B 187 -13.51 3.55 -2.47
CA THR B 187 -14.80 4.22 -2.69
C THR B 187 -15.69 3.29 -3.50
N ASP B 188 -16.24 2.28 -2.85
CA ASP B 188 -16.99 1.25 -3.57
C ASP B 188 -17.99 0.61 -2.62
N PRO B 189 -19.30 0.89 -2.74
CA PRO B 189 -20.25 0.34 -1.76
C PRO B 189 -20.21 -1.18 -1.66
N ALA B 190 -20.04 -1.90 -2.76
CA ALA B 190 -20.01 -3.36 -2.69
C ALA B 190 -18.81 -3.86 -1.90
N ILE B 191 -17.62 -3.30 -2.18
CA ILE B 191 -16.45 -3.65 -1.39
C ILE B 191 -16.69 -3.31 0.08
N ALA B 192 -17.26 -2.12 0.34
CA ALA B 192 -17.49 -1.70 1.72
C ALA B 192 -18.42 -2.65 2.46
N VAL B 193 -19.50 -3.10 1.81
CA VAL B 193 -20.44 -4.00 2.48
C VAL B 193 -19.78 -5.35 2.75
N ARG B 194 -19.01 -5.86 1.78
CA ARG B 194 -18.29 -7.10 2.06
C ARG B 194 -17.27 -6.91 3.18
N ALA B 195 -16.60 -5.76 3.20
CA ALA B 195 -15.66 -5.46 4.27
C ALA B 195 -16.36 -5.43 5.62
N SER B 196 -17.56 -4.84 5.69
CA SER B 196 -18.30 -4.82 6.94
C SER B 196 -18.59 -6.24 7.41
N TYR B 197 -18.90 -7.13 6.46
CA TYR B 197 -19.17 -8.52 6.81
C TYR B 197 -17.91 -9.20 7.36
N ASN B 198 -16.77 -9.06 6.68
CA ASN B 198 -15.55 -9.72 7.14
C ASN B 198 -15.03 -9.12 8.45
N LEU B 199 -15.26 -7.83 8.68
CA LEU B 199 -14.96 -7.23 9.98
C LEU B 199 -15.80 -7.88 11.08
N LEU B 200 -17.11 -8.04 10.86
CA LEU B 200 -17.94 -8.66 11.89
C LEU B 200 -17.54 -10.12 12.12
N LEU B 201 -17.20 -10.83 11.05
CA LEU B 201 -16.67 -12.19 11.17
C LEU B 201 -15.40 -12.20 12.00
N ALA B 202 -14.48 -11.26 11.72
CA ALA B 202 -13.25 -11.16 12.48
C ALA B 202 -13.53 -10.92 13.96
N HIS B 203 -14.50 -10.07 14.28
CA HIS B 203 -14.89 -9.91 15.67
C HIS B 203 -15.23 -11.24 16.32
N GLY B 204 -16.13 -12.02 15.68
CA GLY B 204 -16.55 -13.27 16.31
C GLY B 204 -15.43 -14.29 16.43
N LEU B 205 -14.60 -14.41 15.37
CA LEU B 205 -13.45 -15.29 15.44
C LEU B 205 -12.48 -14.84 16.53
N GLY B 206 -12.35 -13.53 16.73
CA GLY B 206 -11.45 -13.02 17.75
C GLY B 206 -11.95 -13.29 19.15
N VAL B 207 -13.27 -13.22 19.37
CA VAL B 207 -13.80 -13.61 20.67
C VAL B 207 -13.40 -15.04 20.98
N ALA B 208 -13.64 -15.94 20.00
CA ALA B 208 -13.31 -17.34 20.26
C ALA B 208 -11.82 -17.53 20.47
N ALA B 209 -10.98 -16.83 19.70
CA ALA B 209 -9.54 -16.97 19.84
C ALA B 209 -9.08 -16.53 21.23
N LEU B 210 -9.64 -15.42 21.73
CA LEU B 210 -9.25 -14.95 23.05
C LEU B 210 -9.68 -15.92 24.14
N ARG B 211 -10.90 -16.45 24.04
CA ARG B 211 -11.34 -17.41 25.06
C ARG B 211 -10.50 -18.68 25.03
N ASP B 212 -10.00 -19.07 23.85
CA ASP B 212 -9.15 -20.26 23.77
C ASP B 212 -7.74 -19.98 24.29
N ALA B 213 -7.20 -18.79 24.03
CA ALA B 213 -5.77 -18.55 24.23
C ALA B 213 -5.42 -17.87 25.55
N CYS B 214 -6.32 -17.08 26.13
CA CYS B 214 -5.97 -16.39 27.37
C CYS B 214 -5.83 -17.38 28.51
N PRO B 215 -4.74 -17.33 29.28
CA PRO B 215 -4.62 -18.25 30.41
C PRO B 215 -5.68 -18.04 31.48
N GLU B 216 -6.20 -16.81 31.61
CA GLU B 216 -7.30 -16.53 32.52
C GLU B 216 -8.52 -16.07 31.72
N PRO B 217 -9.73 -16.38 32.17
CA PRO B 217 -10.93 -16.12 31.36
C PRO B 217 -11.10 -14.65 31.07
N PRO B 218 -11.22 -14.27 29.80
CA PRO B 218 -11.32 -12.87 29.43
C PRO B 218 -12.76 -12.38 29.38
N ALA B 219 -12.90 -11.08 29.66
CA ALA B 219 -14.10 -10.34 29.34
C ALA B 219 -13.88 -9.66 27.99
N VAL B 220 -14.74 -9.94 27.01
CA VAL B 220 -14.52 -9.53 25.63
C VAL B 220 -15.76 -8.82 25.09
N GLY B 221 -15.53 -7.74 24.33
CA GLY B 221 -16.63 -7.01 23.73
C GLY B 221 -16.19 -6.30 22.46
N LEU B 222 -17.18 -5.91 21.68
CA LEU B 222 -17.03 -5.05 20.51
C LEU B 222 -17.21 -3.59 20.93
N VAL B 223 -16.52 -2.68 20.24
CA VAL B 223 -16.72 -1.23 20.42
C VAL B 223 -17.35 -0.66 19.16
N VAL B 224 -18.51 -0.01 19.33
CA VAL B 224 -19.23 0.61 18.24
C VAL B 224 -19.47 2.09 18.55
N ASN B 225 -19.28 2.94 17.53
CA ASN B 225 -19.64 4.36 17.63
C ASN B 225 -21.07 4.56 17.14
N LEU B 226 -21.98 4.75 18.08
CA LEU B 226 -23.39 4.89 17.75
C LEU B 226 -23.81 6.35 17.74
N SER B 227 -24.85 6.66 16.96
CA SER B 227 -25.44 7.99 16.91
C SER B 227 -26.95 7.84 16.74
N GLY B 228 -27.73 8.46 17.62
CA GLY B 228 -29.16 8.53 17.34
C GLY B 228 -29.39 9.28 16.05
N CYS B 229 -30.29 8.75 15.21
CA CYS B 229 -30.57 9.31 13.89
C CYS B 229 -31.96 9.88 13.88
N GLU B 230 -32.07 11.20 13.70
CA GLU B 230 -33.33 11.90 13.81
C GLU B 230 -33.63 12.65 12.52
N PRO B 231 -34.88 12.67 12.05
CA PRO B 231 -35.17 13.30 10.76
C PRO B 231 -35.07 14.83 10.82
N ALA B 232 -34.56 15.41 9.72
CA ALA B 232 -34.43 16.86 9.63
C ALA B 232 -35.78 17.55 9.55
N SER B 233 -36.81 16.86 9.09
CA SER B 233 -38.17 17.38 9.07
C SER B 233 -39.11 16.20 9.25
N GLN B 234 -40.40 16.51 9.37
CA GLN B 234 -41.41 15.48 9.51
C GLN B 234 -41.99 15.01 8.17
N SER B 235 -41.32 15.31 7.06
CA SER B 235 -41.73 14.75 5.80
C SER B 235 -41.59 13.23 5.83
N PRO B 236 -42.44 12.49 5.13
CA PRO B 236 -42.28 11.02 5.09
C PRO B 236 -40.90 10.61 4.59
N GLU B 237 -40.37 11.37 3.63
CA GLU B 237 -39.06 11.06 3.07
C GLU B 237 -37.96 11.22 4.10
N ASP B 238 -37.99 12.30 4.90
CA ASP B 238 -36.96 12.49 5.92
C ASP B 238 -37.09 11.47 7.03
N ILE B 239 -38.33 11.13 7.42
CA ILE B 239 -38.53 10.13 8.46
C ILE B 239 -37.94 8.78 8.03
N ARG B 240 -38.26 8.35 6.79
CA ARG B 240 -37.71 7.08 6.35
C ARG B 240 -36.19 7.16 6.24
N ALA B 241 -35.68 8.28 5.72
CA ALA B 241 -34.24 8.44 5.56
C ALA B 241 -33.51 8.32 6.89
N ALA B 242 -34.06 8.93 7.94
CA ALA B 242 -33.43 8.80 9.25
C ALA B 242 -33.45 7.36 9.75
N ARG B 243 -34.50 6.60 9.43
CA ARG B 243 -34.54 5.20 9.86
C ARG B 243 -33.52 4.35 9.09
N ILE B 244 -33.35 4.62 7.79
CA ILE B 244 -32.31 3.93 7.02
C ILE B 244 -30.93 4.29 7.55
N ALA B 245 -30.72 5.58 7.89
CA ALA B 245 -29.46 5.97 8.52
C ALA B 245 -29.25 5.23 9.83
N ASP B 246 -30.30 5.07 10.63
CA ASP B 246 -30.18 4.28 11.86
C ASP B 246 -29.72 2.85 11.55
N GLY B 247 -30.22 2.29 10.46
CA GLY B 247 -29.74 0.97 10.06
C GLY B 247 -28.27 0.98 9.66
N HIS B 248 -27.87 1.98 8.88
CA HIS B 248 -26.51 2.07 8.37
C HIS B 248 -25.50 2.29 9.49
N ILE B 249 -25.85 3.13 10.45
CA ILE B 249 -24.93 3.57 11.50
C ILE B 249 -24.96 2.66 12.72
N ASN B 250 -26.16 2.19 13.11
CA ASN B 250 -26.31 1.46 14.37
C ASN B 250 -26.71 0.00 14.17
N ARG B 251 -27.82 -0.27 13.46
CA ARG B 251 -28.39 -1.61 13.52
C ARG B 251 -27.58 -2.63 12.72
N TRP B 252 -26.87 -2.19 11.68
CA TRP B 252 -26.05 -3.13 10.90
C TRP B 252 -25.04 -3.85 11.77
N TRP B 253 -24.55 -3.19 12.83
CA TRP B 253 -23.56 -3.74 13.74
C TRP B 253 -24.20 -4.41 14.94
N LEU B 254 -25.24 -3.79 15.51
CA LEU B 254 -25.85 -4.31 16.73
C LEU B 254 -26.69 -5.55 16.47
N ASP B 255 -27.40 -5.60 15.33
CA ASP B 255 -28.30 -6.73 15.07
C ASP B 255 -27.54 -8.04 14.91
N PRO B 256 -26.58 -8.19 13.98
CA PRO B 256 -25.98 -9.52 13.81
C PRO B 256 -25.15 -9.96 15.00
N THR B 257 -24.51 -9.02 15.71
CA THR B 257 -23.74 -9.42 16.88
C THR B 257 -24.64 -9.81 18.06
N SER B 258 -25.92 -9.45 18.04
CA SER B 258 -26.88 -9.81 19.09
CA SER B 258 -26.82 -9.86 19.11
C SER B 258 -27.71 -11.02 18.71
N GLY B 259 -27.37 -11.72 17.64
CA GLY B 259 -28.13 -12.88 17.20
C GLY B 259 -29.38 -12.59 16.41
N ARG B 260 -29.53 -11.39 15.86
CA ARG B 260 -30.73 -11.00 15.13
C ARG B 260 -30.52 -10.98 13.62
N GLY B 261 -29.40 -11.48 13.13
CA GLY B 261 -29.13 -11.44 11.70
C GLY B 261 -28.89 -10.02 11.21
N PHE B 262 -28.66 -9.90 9.91
CA PHE B 262 -28.56 -8.58 9.30
C PHE B 262 -29.95 -8.03 9.00
N PRO B 263 -30.20 -6.75 9.28
CA PRO B 263 -31.55 -6.19 9.11
C PRO B 263 -31.98 -6.17 7.65
N ALA B 264 -33.21 -6.64 7.40
CA ALA B 264 -33.66 -6.80 6.01
C ALA B 264 -33.74 -5.46 5.28
N ASP B 265 -34.12 -4.38 5.98
CA ASP B 265 -34.24 -3.11 5.26
C ASP B 265 -32.89 -2.64 4.76
N MET B 266 -31.81 -2.94 5.48
CA MET B 266 -30.49 -2.55 5.02
C MET B 266 -29.95 -3.53 3.98
N VAL B 267 -30.17 -4.85 4.15
CA VAL B 267 -29.77 -5.79 3.11
C VAL B 267 -30.39 -5.39 1.78
N GLU B 268 -31.66 -5.01 1.80
CA GLU B 268 -32.33 -4.58 0.57
C GLU B 268 -31.84 -3.22 0.08
N THR B 269 -31.52 -2.30 1.00
CA THR B 269 -30.97 -1.02 0.58
C THR B 269 -29.64 -1.20 -0.17
N TYR B 270 -28.72 -1.98 0.39
CA TYR B 270 -27.39 -2.09 -0.21
C TYR B 270 -27.43 -2.87 -1.51
N GLY B 271 -28.23 -3.93 -1.57
CA GLY B 271 -28.28 -4.77 -2.77
C GLY B 271 -26.98 -5.49 -3.06
N VAL B 272 -26.21 -5.82 -2.04
CA VAL B 272 -24.91 -6.47 -2.18
C VAL B 272 -25.02 -7.88 -1.63
N GLU B 273 -24.54 -8.86 -2.40
CA GLU B 273 -24.49 -10.23 -1.92
C GLU B 273 -23.45 -10.37 -0.83
N LEU B 274 -23.88 -10.77 0.36
CA LEU B 274 -22.96 -10.93 1.48
C LEU B 274 -22.10 -12.19 1.28
N PRO B 275 -20.80 -12.13 1.56
CA PRO B 275 -19.90 -13.29 1.34
C PRO B 275 -20.04 -14.34 2.43
N GLU B 276 -21.20 -14.99 2.48
CA GLU B 276 -21.58 -15.80 3.62
C GLU B 276 -21.14 -17.26 3.45
N ARG B 277 -20.80 -17.87 4.58
CA ARG B 277 -20.54 -19.29 4.76
C ARG B 277 -21.47 -19.81 5.84
N PRO B 278 -22.05 -21.01 5.69
CA PRO B 278 -22.91 -21.53 6.76
C PRO B 278 -22.16 -21.53 8.09
N GLY B 279 -22.86 -21.10 9.15
CA GLY B 279 -22.27 -20.99 10.47
C GLY B 279 -21.69 -19.63 10.80
N ASP B 280 -21.59 -18.73 9.82
CA ASP B 280 -20.99 -17.42 10.08
C ASP B 280 -21.82 -16.61 11.07
N LEU B 281 -23.15 -16.65 10.95
CA LEU B 281 -23.96 -15.83 11.84
C LEU B 281 -23.75 -16.22 13.29
N GLU B 282 -23.57 -17.51 13.57
CA GLU B 282 -23.30 -17.91 14.95
C GLU B 282 -21.93 -17.41 15.41
N ILE B 283 -20.97 -17.31 14.49
CA ILE B 283 -19.66 -16.74 14.83
C ILE B 283 -19.80 -15.24 15.15
N ILE B 284 -20.50 -14.51 14.28
CA ILE B 284 -20.64 -13.06 14.46
C ILE B 284 -21.36 -12.76 15.76
N ALA B 285 -22.30 -13.62 16.15
CA ALA B 285 -23.05 -13.47 17.39
C ALA B 285 -22.38 -14.14 18.57
N ALA B 286 -21.08 -14.40 18.50
CA ALA B 286 -20.35 -14.98 19.62
C ALA B 286 -20.70 -14.23 20.90
N PRO B 287 -21.08 -14.93 21.97
CA PRO B 287 -21.43 -14.23 23.21
C PRO B 287 -20.29 -13.35 23.70
N THR B 288 -20.65 -12.13 24.11
CA THR B 288 -19.71 -11.16 24.63
C THR B 288 -20.08 -10.80 26.07
N ASP B 289 -19.12 -10.19 26.77
CA ASP B 289 -19.27 -9.88 28.19
C ASP B 289 -19.62 -8.43 28.45
N PHE B 290 -19.53 -7.58 27.43
CA PHE B 290 -19.95 -6.20 27.52
C PHE B 290 -20.08 -5.69 26.09
N ILE B 291 -20.71 -4.53 25.95
CA ILE B 291 -20.69 -3.76 24.73
C ILE B 291 -20.03 -2.42 25.05
N GLY B 292 -19.15 -1.97 24.16
CA GLY B 292 -18.49 -0.70 24.30
C GLY B 292 -19.13 0.34 23.41
N LEU B 293 -19.67 1.38 24.02
CA LEU B 293 -20.29 2.49 23.32
C LEU B 293 -19.29 3.63 23.18
N ASN B 294 -18.94 3.97 21.94
CA ASN B 294 -18.29 5.24 21.65
C ASN B 294 -19.36 6.23 21.26
N TYR B 295 -19.40 7.39 21.93
CA TYR B 295 -20.41 8.39 21.58
C TYR B 295 -19.79 9.78 21.51
N TYR B 296 -20.12 10.47 20.45
CA TYR B 296 -19.76 11.88 20.27
C TYR B 296 -20.92 12.76 19.85
N PHE B 297 -21.83 12.26 19.00
CA PHE B 297 -22.89 13.13 18.49
C PHE B 297 -24.05 12.30 17.95
N ARG B 298 -25.25 12.90 17.96
CA ARG B 298 -26.35 12.39 17.16
C ARG B 298 -26.21 12.88 15.72
N GLN B 299 -27.02 12.31 14.83
CA GLN B 299 -27.03 12.75 13.43
C GLN B 299 -28.45 13.13 13.04
N ILE B 300 -28.60 14.36 12.55
CA ILE B 300 -29.83 14.81 11.92
C ILE B 300 -29.74 14.45 10.44
N ILE B 301 -30.78 13.77 9.91
CA ILE B 301 -30.71 13.11 8.60
C ILE B 301 -31.81 13.66 7.71
N GLU B 302 -31.46 13.99 6.46
CA GLU B 302 -32.46 14.33 5.47
C GLU B 302 -32.37 13.38 4.27
N ALA B 303 -33.52 13.15 3.64
CA ALA B 303 -33.53 12.42 2.38
C ALA B 303 -32.75 13.21 1.32
N ASP B 304 -31.97 12.48 0.52
CA ASP B 304 -31.06 13.14 -0.42
C ASP B 304 -30.87 12.20 -1.61
N GLY B 305 -31.61 12.47 -2.69
CA GLY B 305 -31.52 11.65 -3.88
C GLY B 305 -30.18 11.70 -4.59
N SER B 306 -29.30 12.64 -4.22
CA SER B 306 -28.00 12.72 -4.87
C SER B 306 -26.99 11.75 -4.26
N VAL B 307 -27.37 11.01 -3.22
CA VAL B 307 -26.47 10.07 -2.55
C VAL B 307 -26.79 8.67 -3.07
N PRO B 308 -25.94 8.07 -3.89
CA PRO B 308 -26.24 6.72 -4.40
C PRO B 308 -26.45 5.71 -3.28
N VAL B 309 -27.38 4.78 -3.50
CA VAL B 309 -27.69 3.64 -2.64
C VAL B 309 -28.41 4.08 -1.36
N LEU B 310 -27.81 4.98 -0.60
CA LEU B 310 -28.34 5.32 0.73
C LEU B 310 -29.47 6.32 0.65
N GLY B 311 -29.36 7.31 -0.23
CA GLY B 311 -30.42 8.30 -0.37
C GLY B 311 -30.64 9.18 0.83
N PHE B 312 -29.62 9.37 1.67
CA PHE B 312 -29.74 10.27 2.80
C PHE B 312 -28.41 10.99 3.01
N SER B 313 -28.49 12.14 3.68
CA SER B 313 -27.33 12.94 4.04
C SER B 313 -27.51 13.47 5.46
N GLN B 314 -26.40 13.56 6.18
CA GLN B 314 -26.40 14.26 7.47
C GLN B 314 -26.43 15.77 7.24
N VAL B 315 -27.20 16.47 8.06
CA VAL B 315 -27.23 17.93 8.08
C VAL B 315 -26.85 18.37 9.48
N PRO B 316 -26.49 19.65 9.67
CA PRO B 316 -26.05 20.10 10.99
C PRO B 316 -27.14 19.96 12.06
N GLY B 317 -26.70 19.63 13.27
CA GLY B 317 -27.56 19.57 14.44
C GLY B 317 -27.92 20.95 14.95
N PRO B 318 -29.06 21.07 15.63
CA PRO B 318 -29.58 22.39 15.97
C PRO B 318 -29.02 23.03 17.23
N ASN B 319 -28.39 22.27 18.13
CA ASN B 319 -27.90 22.86 19.37
C ASN B 319 -26.84 23.93 19.07
N ALA B 320 -26.83 24.98 19.89
CA ALA B 320 -25.89 26.07 19.63
C ALA B 320 -24.44 25.62 19.81
N GLU B 321 -24.19 24.75 20.80
CA GLU B 321 -22.82 24.38 21.13
C GLU B 321 -22.29 23.34 20.14
N HIS B 322 -21.16 23.65 19.50
CA HIS B 322 -20.48 22.78 18.55
C HIS B 322 -18.99 22.83 18.85
N THR B 323 -18.30 21.70 18.66
CA THR B 323 -16.88 21.65 18.89
C THR B 323 -16.11 22.25 17.72
N MET B 324 -14.78 22.29 17.83
CA MET B 324 -13.97 22.92 16.79
CA MET B 324 -13.98 22.92 16.79
C MET B 324 -14.06 22.18 15.45
N ILE B 325 -14.41 20.89 15.44
CA ILE B 325 -14.62 20.19 14.18
C ILE B 325 -16.11 20.11 13.84
N ASP B 326 -16.91 21.02 14.39
CA ASP B 326 -18.33 21.18 14.04
C ASP B 326 -19.17 19.97 14.42
N TRP B 327 -18.79 19.28 15.49
CA TRP B 327 -19.62 18.24 16.06
C TRP B 327 -20.56 18.85 17.10
N GLU B 328 -21.86 18.65 16.91
CA GLU B 328 -22.84 19.19 17.84
C GLU B 328 -22.69 18.56 19.22
N VAL B 329 -22.75 19.40 20.25
CA VAL B 329 -22.69 18.92 21.63
C VAL B 329 -24.10 18.55 22.06
N HIS B 330 -24.30 17.28 22.44
CA HIS B 330 -25.64 16.75 22.76
C HIS B 330 -25.54 15.60 23.76
N PRO B 331 -25.35 15.91 25.05
CA PRO B 331 -25.22 14.82 26.04
C PRO B 331 -26.47 13.94 26.19
N ALA B 332 -27.65 14.50 25.89
CA ALA B 332 -28.86 13.69 25.95
C ALA B 332 -28.76 12.47 25.06
N GLY B 333 -28.05 12.60 23.93
CA GLY B 333 -27.87 11.46 23.04
C GLY B 333 -27.10 10.32 23.68
N LEU B 334 -26.19 10.64 24.61
CA LEU B 334 -25.46 9.59 25.30
C LEU B 334 -26.38 8.84 26.26
N GLU B 335 -27.17 9.58 27.03
CA GLU B 335 -28.18 8.93 27.88
C GLU B 335 -29.10 8.01 27.05
N GLU B 336 -29.58 8.53 25.92
CA GLU B 336 -30.52 7.77 25.09
C GLU B 336 -29.89 6.49 24.56
N LEU B 337 -28.64 6.55 24.07
CA LEU B 337 -28.03 5.36 23.50
C LEU B 337 -27.70 4.32 24.57
N ILE B 338 -27.25 4.76 25.75
CA ILE B 338 -27.02 3.80 26.83
C ILE B 338 -28.32 3.05 27.12
N LEU B 339 -29.44 3.78 27.21
CA LEU B 339 -30.70 3.12 27.52
C LEU B 339 -31.14 2.20 26.39
N ARG B 340 -30.87 2.58 25.13
CA ARG B 340 -31.25 1.70 24.02
C ARG B 340 -30.47 0.39 24.07
N LEU B 341 -29.18 0.48 24.38
CA LEU B 341 -28.39 -0.74 24.51
C LEU B 341 -28.90 -1.61 25.65
N ALA B 342 -29.26 -0.97 26.79
CA ALA B 342 -29.71 -1.72 27.95
C ALA B 342 -31.09 -2.33 27.73
N LYS B 343 -31.99 -1.61 27.07
CA LYS B 343 -33.38 -2.06 26.98
C LYS B 343 -33.61 -2.83 25.69
N GLU B 344 -33.51 -2.16 24.54
CA GLU B 344 -33.84 -2.82 23.28
C GLU B 344 -32.88 -3.97 22.99
N TYR B 345 -31.61 -3.81 23.30
CA TYR B 345 -30.64 -4.84 22.99
C TYR B 345 -30.23 -5.67 24.20
N GLY B 346 -30.85 -5.43 25.35
CA GLY B 346 -30.66 -6.27 26.52
C GLY B 346 -29.22 -6.42 26.96
N ALA B 347 -28.39 -5.41 26.74
CA ALA B 347 -27.01 -5.53 27.18
C ALA B 347 -26.94 -5.62 28.70
N GLU B 348 -26.24 -6.66 29.15
CA GLU B 348 -25.87 -6.96 30.53
C GLU B 348 -24.77 -6.10 31.10
N LYS B 349 -23.87 -5.61 30.27
CA LYS B 349 -22.84 -4.71 30.76
C LYS B 349 -22.45 -3.75 29.64
N ILE B 350 -22.46 -2.46 29.94
CA ILE B 350 -22.16 -1.41 28.97
C ILE B 350 -21.01 -0.59 29.51
N TYR B 351 -20.01 -0.32 28.68
CA TYR B 351 -19.03 0.73 29.01
C TYR B 351 -19.18 1.85 28.00
N VAL B 352 -19.00 3.10 28.43
CA VAL B 352 -18.71 4.16 27.48
C VAL B 352 -17.21 4.09 27.22
N THR B 353 -16.84 3.49 26.08
CA THR B 353 -15.44 3.25 25.79
C THR B 353 -14.75 4.46 25.14
N GLU B 354 -15.52 5.45 24.67
CA GLU B 354 -14.98 6.74 24.26
C GLU B 354 -16.07 7.80 24.35
N ASN B 355 -15.67 8.97 24.84
CA ASN B 355 -16.47 10.18 24.75
C ASN B 355 -15.53 11.33 25.06
N GLY B 356 -15.65 12.42 24.33
CA GLY B 356 -14.75 13.55 24.53
C GLY B 356 -14.96 14.60 23.46
N SER B 357 -14.12 15.63 23.49
CA SER B 357 -14.35 16.75 22.59
C SER B 357 -13.07 17.51 22.28
N ALA B 358 -13.06 18.16 21.12
CA ALA B 358 -11.92 18.93 20.62
C ALA B 358 -12.28 20.40 20.53
N TRP B 359 -11.41 21.24 21.08
CA TRP B 359 -11.59 22.68 21.09
C TRP B 359 -10.24 23.32 20.79
N VAL B 360 -10.26 24.62 20.43
CA VAL B 360 -9.00 25.31 20.23
CA VAL B 360 -9.01 25.34 20.23
C VAL B 360 -8.40 25.63 21.59
N ASP B 361 -7.19 25.14 21.82
CA ASP B 361 -6.48 25.33 23.08
C ASP B 361 -5.54 26.52 22.96
N GLN B 362 -5.35 27.21 24.09
CA GLN B 362 -4.48 28.38 24.17
C GLN B 362 -3.39 28.10 25.20
N PRO B 363 -2.38 27.31 24.84
CA PRO B 363 -1.30 27.01 25.79
C PRO B 363 -0.45 28.23 26.08
N ASP B 364 0.05 28.30 27.32
CA ASP B 364 1.09 29.29 27.60
C ASP B 364 2.44 28.70 27.21
N ALA B 365 3.53 29.42 27.53
CA ALA B 365 4.84 28.98 27.07
C ALA B 365 5.28 27.66 27.65
N GLU B 366 4.71 27.24 28.79
CA GLU B 366 4.99 25.96 29.39
C GLU B 366 3.86 24.97 29.16
N PHE B 367 2.96 25.29 28.23
CA PHE B 367 1.91 24.40 27.71
C PHE B 367 0.78 24.15 28.70
N ALA B 368 0.63 25.01 29.70
CA ALA B 368 -0.58 24.96 30.52
C ALA B 368 -1.77 25.45 29.72
N VAL B 369 -2.89 24.72 29.82
CA VAL B 369 -4.10 24.99 29.06
C VAL B 369 -5.30 25.03 30.01
N ASP B 370 -6.05 26.14 29.99
CA ASP B 370 -7.33 26.24 30.67
C ASP B 370 -8.40 26.05 29.59
N ASP B 371 -9.12 24.92 29.64
CA ASP B 371 -10.04 24.52 28.58
C ASP B 371 -11.46 24.35 29.14
N PRO B 372 -12.14 25.44 29.43
CA PRO B 372 -13.47 25.32 30.08
C PRO B 372 -14.51 24.63 29.20
N ASP B 373 -14.42 24.72 27.87
CA ASP B 373 -15.42 24.07 27.04
C ASP B 373 -15.25 22.56 27.05
N ARG B 374 -13.99 22.09 26.96
CA ARG B 374 -13.74 20.65 27.09
C ARG B 374 -14.16 20.13 28.46
N THR B 375 -13.89 20.91 29.51
CA THR B 375 -14.26 20.49 30.85
C THR B 375 -15.79 20.39 31.00
N ALA B 376 -16.51 21.39 30.48
CA ALA B 376 -17.97 21.39 30.56
C ALA B 376 -18.57 20.23 29.78
N TYR B 377 -17.99 19.93 28.60
CA TYR B 377 -18.47 18.79 27.82
C TYR B 377 -18.35 17.50 28.62
N LEU B 378 -17.19 17.30 29.25
CA LEU B 378 -16.99 16.13 30.10
C LEU B 378 -18.05 16.07 31.20
N GLU B 379 -18.25 17.18 31.92
CA GLU B 379 -19.18 17.14 33.06
C GLU B 379 -20.60 16.84 32.60
N GLU B 380 -21.04 17.44 31.49
CA GLU B 380 -22.42 17.22 31.05
C GLU B 380 -22.64 15.80 30.56
N HIS B 381 -21.62 15.20 29.93
CA HIS B 381 -21.79 13.82 29.50
C HIS B 381 -21.72 12.86 30.67
N LEU B 382 -20.92 13.15 31.70
CA LEU B 382 -20.99 12.35 32.92
C LEU B 382 -22.38 12.44 33.54
N ALA B 383 -22.98 13.64 33.54
CA ALA B 383 -24.34 13.77 34.07
C ALA B 383 -25.32 12.89 33.30
N ALA B 384 -25.15 12.82 31.98
CA ALA B 384 -26.00 11.94 31.18
C ALA B 384 -25.81 10.47 31.56
N CYS B 385 -24.55 10.06 31.82
CA CYS B 385 -24.30 8.71 32.29
C CYS B 385 -25.02 8.44 33.61
N VAL B 386 -24.94 9.38 34.54
CA VAL B 386 -25.60 9.20 35.84
C VAL B 386 -27.10 9.02 35.64
N ARG B 387 -27.71 9.84 34.77
CA ARG B 387 -29.16 9.69 34.54
C ARG B 387 -29.49 8.32 33.97
N ALA B 388 -28.64 7.80 33.06
CA ALA B 388 -28.90 6.46 32.54
C ALA B 388 -28.82 5.42 33.64
N VAL B 389 -27.85 5.54 34.54
CA VAL B 389 -27.72 4.59 35.64
C VAL B 389 -28.92 4.68 36.58
N GLU B 390 -29.41 5.88 36.84
CA GLU B 390 -30.57 6.05 37.72
C GLU B 390 -31.81 5.40 37.12
N GLN B 391 -31.87 5.28 35.79
CA GLN B 391 -32.98 4.62 35.11
C GLN B 391 -32.70 3.13 34.86
N GLY B 392 -31.70 2.56 35.52
CA GLY B 392 -31.50 1.13 35.53
C GLY B 392 -30.47 0.59 34.56
N ALA B 393 -29.77 1.45 33.81
CA ALA B 393 -28.84 0.92 32.83
C ALA B 393 -27.61 0.33 33.52
N PRO B 394 -27.13 -0.83 33.07
CA PRO B 394 -25.94 -1.45 33.68
C PRO B 394 -24.64 -0.87 33.13
N LEU B 395 -24.43 0.41 33.39
CA LEU B 395 -23.23 1.11 32.94
C LEU B 395 -22.10 0.84 33.93
N ALA B 396 -21.03 0.21 33.44
CA ALA B 396 -19.93 -0.25 34.28
C ALA B 396 -18.75 0.70 34.30
N GLY B 397 -18.67 1.65 33.37
CA GLY B 397 -17.55 2.58 33.41
C GLY B 397 -17.62 3.57 32.27
N TYR B 398 -16.67 4.50 32.31
CA TYR B 398 -16.58 5.62 31.38
C TYR B 398 -15.12 5.88 31.04
N PHE B 399 -14.79 5.93 29.76
CA PHE B 399 -13.43 6.19 29.29
C PHE B 399 -13.40 7.49 28.52
N ALA B 400 -12.65 8.47 29.04
CA ALA B 400 -12.50 9.75 28.36
C ALA B 400 -11.59 9.61 27.14
N TRP B 401 -12.08 10.00 25.97
CA TRP B 401 -11.21 10.16 24.81
C TRP B 401 -10.76 11.63 24.82
N SER B 402 -9.47 11.95 25.02
CA SER B 402 -8.35 11.01 25.07
C SER B 402 -7.41 11.39 26.22
N LEU B 403 -6.55 10.46 26.62
CA LEU B 403 -5.54 10.77 27.64
C LEU B 403 -4.78 12.03 27.28
N MET B 404 -4.41 12.18 26.02
CA MET B 404 -3.65 13.35 25.57
CA MET B 404 -3.62 13.32 25.56
C MET B 404 -3.94 13.59 24.11
N ASP B 405 -3.58 14.77 23.63
CA ASP B 405 -3.77 15.13 22.24
C ASP B 405 -3.02 14.14 21.35
N ASN B 406 -3.59 13.84 20.18
CA ASN B 406 -2.93 12.86 19.33
C ASN B 406 -3.39 13.02 17.88
N PHE B 407 -2.99 12.10 17.01
CA PHE B 407 -3.26 12.16 15.58
C PHE B 407 -4.72 11.79 15.32
N GLU B 408 -5.55 12.78 14.97
CA GLU B 408 -6.97 12.51 14.74
C GLU B 408 -7.24 12.23 13.26
N TRP B 409 -6.56 11.17 12.78
CA TRP B 409 -6.92 10.52 11.51
C TRP B 409 -6.88 11.54 10.38
N ALA B 410 -7.91 11.63 9.53
CA ALA B 410 -7.82 12.51 8.36
C ALA B 410 -7.82 14.00 8.74
N TYR B 411 -8.17 14.34 9.99
CA TYR B 411 -8.02 15.70 10.46
C TYR B 411 -6.59 16.05 10.86
N GLY B 412 -5.70 15.05 10.94
CA GLY B 412 -4.37 15.36 11.44
C GLY B 412 -4.39 15.74 12.91
N TYR B 413 -3.42 16.56 13.31
CA TYR B 413 -3.27 16.94 14.72
C TYR B 413 -4.12 18.13 15.13
N ALA B 414 -4.77 18.82 14.19
CA ALA B 414 -5.51 20.02 14.56
C ALA B 414 -6.55 19.80 15.66
N PRO B 415 -7.37 18.75 15.65
CA PRO B 415 -8.35 18.58 16.73
C PRO B 415 -7.70 17.91 17.94
N ARG B 416 -7.51 18.69 19.00
CA ARG B 416 -6.91 18.20 20.24
C ARG B 416 -8.02 17.70 21.14
N PHE B 417 -8.05 16.39 21.38
CA PHE B 417 -9.03 15.77 22.27
C PHE B 417 -8.48 15.51 23.68
N GLY B 418 -7.21 15.82 23.95
CA GLY B 418 -6.60 15.33 25.17
C GLY B 418 -7.07 16.03 26.44
N LEU B 419 -7.08 15.25 27.52
CA LEU B 419 -7.10 15.79 28.86
C LEU B 419 -5.75 16.41 29.21
N ALA B 420 -4.71 16.01 28.48
CA ALA B 420 -3.38 16.59 28.57
C ALA B 420 -2.96 17.14 27.22
N TYR B 421 -2.35 18.31 27.23
CA TYR B 421 -1.81 18.94 26.03
C TYR B 421 -0.48 18.33 25.65
N VAL B 422 -0.26 18.14 24.35
CA VAL B 422 1.03 17.65 23.84
C VAL B 422 1.67 18.73 22.97
N ASP B 423 2.86 19.17 23.38
CA ASP B 423 3.69 20.00 22.49
C ASP B 423 4.41 19.05 21.54
N TYR B 424 3.90 18.94 20.32
CA TYR B 424 4.42 17.91 19.41
C TYR B 424 5.90 18.07 19.10
N PRO B 425 6.46 19.28 18.95
CA PRO B 425 7.91 19.38 18.69
C PRO B 425 8.77 18.75 19.77
N THR B 426 8.34 18.75 21.03
CA THR B 426 9.16 18.20 22.11
C THR B 426 8.58 16.94 22.74
N GLY B 427 7.32 16.60 22.45
CA GLY B 427 6.64 15.54 23.14
C GLY B 427 6.21 15.86 24.55
N THR B 428 6.40 17.08 25.01
CA THR B 428 6.02 17.43 26.37
C THR B 428 4.51 17.30 26.56
N ARG B 429 4.10 16.59 27.60
CA ARG B 429 2.69 16.43 27.98
C ARG B 429 2.41 17.20 29.27
N VAL B 430 1.34 18.00 29.27
CA VAL B 430 0.96 18.81 30.43
C VAL B 430 -0.55 18.71 30.63
N MET B 431 -0.98 18.27 31.82
CA MET B 431 -2.41 18.12 32.06
C MET B 431 -3.14 19.46 31.94
N LYS B 432 -4.25 19.45 31.21
CA LYS B 432 -5.11 20.60 31.07
C LYS B 432 -6.05 20.71 32.27
N THR B 433 -6.74 21.85 32.35
CA THR B 433 -7.81 22.00 33.34
C THR B 433 -8.79 20.83 33.30
N SER B 434 -9.16 20.37 32.11
CA SER B 434 -10.12 19.27 32.00
C SER B 434 -9.60 18.00 32.68
N GLY B 435 -8.34 17.63 32.43
CA GLY B 435 -7.80 16.46 33.08
C GLY B 435 -7.72 16.61 34.59
N LYS B 436 -7.32 17.79 35.06
CA LYS B 436 -7.27 18.01 36.50
C LYS B 436 -8.66 17.95 37.12
N ARG B 437 -9.66 18.45 36.39
CA ARG B 437 -11.05 18.34 36.85
C ARG B 437 -11.51 16.89 36.87
N TYR B 438 -11.15 16.11 35.84
CA TYR B 438 -11.51 14.69 35.85
C TYR B 438 -10.93 14.00 37.07
N ALA B 439 -9.66 14.29 37.41
CA ALA B 439 -9.07 13.70 38.60
C ALA B 439 -9.85 14.08 39.84
N ASP B 440 -10.26 15.34 39.94
CA ASP B 440 -11.06 15.78 41.09
C ASP B 440 -12.41 15.06 41.14
N LEU B 441 -13.03 14.85 39.98
CA LEU B 441 -14.34 14.20 39.93
C LEU B 441 -14.23 12.74 40.35
N ILE B 442 -13.19 12.05 39.87
CA ILE B 442 -12.95 10.67 40.31
C ILE B 442 -12.72 10.63 41.82
N ARG B 443 -11.91 11.55 42.33
CA ARG B 443 -11.67 11.61 43.77
CA ARG B 443 -11.66 11.61 43.77
C ARG B 443 -12.97 11.81 44.55
N GLY B 444 -13.80 12.75 44.10
CA GLY B 444 -15.04 13.02 44.79
C GLY B 444 -16.01 11.85 44.75
N HIS B 445 -16.03 11.12 43.65
CA HIS B 445 -16.86 9.92 43.62
C HIS B 445 -16.35 8.89 44.62
N ARG B 446 -15.02 8.74 44.73
CA ARG B 446 -14.46 7.69 45.58
C ARG B 446 -14.43 8.03 47.06
N GLU B 447 -14.64 9.29 47.38
CA GLU B 447 -14.76 9.57 48.76
C GLU B 447 -16.24 9.51 49.31
C1 GOL C . 18.32 17.63 -7.75
O1 GOL C . 17.87 17.00 -8.93
C2 GOL C . 17.24 17.56 -6.69
O2 GOL C . 17.85 17.53 -5.41
C3 GOL C . 16.42 18.83 -6.76
O3 GOL C . 16.20 19.12 -8.12
C1 GOL D . 18.28 -23.65 -25.83
O1 GOL D . 17.80 -24.66 -26.67
C2 GOL D . 18.41 -24.17 -24.41
O2 GOL D . 18.72 -25.54 -24.42
C3 GOL D . 17.07 -23.99 -23.73
O3 GOL D . 16.84 -25.02 -22.78
C1 EDO E . 6.49 -13.18 -28.60
O1 EDO E . 5.89 -12.02 -28.03
C2 EDO E . 7.31 -12.77 -29.83
O2 EDO E . 7.89 -13.93 -30.43
C1 GOL F . -2.67 24.79 20.17
O1 GOL F . -1.28 24.66 19.97
C2 GOL F . -3.39 24.77 18.82
O2 GOL F . -3.17 23.54 18.15
C3 GOL F . -4.88 25.01 19.04
O3 GOL F . -5.51 23.96 19.77
O1 XYP G . -13.66 7.97 15.76
C1 XYP G . -13.39 7.77 17.11
C2 XYP G . -12.12 6.86 17.27
C3 XYP G . -10.90 7.63 17.93
C4 XYP G . -10.96 8.96 17.30
C5 XYP G . -12.10 9.78 17.92
O2 XYP G . -12.22 5.63 18.03
O3 XYP G . -9.71 6.97 17.42
O4 XYP G . -9.72 9.63 17.50
O5 XYP G . -13.40 9.08 17.81
#